data_4WSI
#
_entry.id   4WSI
#
_cell.length_a   111.928
_cell.length_b   111.928
_cell.length_c   223.065
_cell.angle_alpha   90.000
_cell.angle_beta   90.000
_cell.angle_gamma   90.000
#
_symmetry.space_group_name_H-M   'P 41 21 2'
#
loop_
_entity.id
_entity.type
_entity.pdbx_description
1 polymer 'MAGUK p55 subfamily member 5'
2 polymer 'Protein crumbs'
3 water water
#
loop_
_entity_poly.entity_id
_entity_poly.type
_entity_poly.pdbx_seq_one_letter_code
_entity_poly.pdbx_strand_id
1 'polypeptide(L)'
;GPGSPITDERVYESIGQYGGETVKIVRIEKARDIPLGATVRNEMDSVIISRIVKGGAAEKSGLLHEGDEVLEINGIEIRG
KDVNEVFDLLSDMHGTLTFVLIPSQQIKPPPAKETVIHVKAHFDYDPSDDPYVPCRELGLSFQKGDILHVISQEDPNWWQ
AYREGDEDNQPLAGLVPGKEEILTYEEMSLYHQPANRKRPIILIGPQNCGQNELRQRLMNKEKDRFASAVPHTTRSRRDQ
EVAGRDYHFVSRQAFEADIAAGKFIEHGEFEKNLYGTSIDSVRQVINSGKICLLSLRTQSLKTLRNSDLKPYIIFIAPPS
QERLRALLAKEGKNPKPEELREIIEKTREMEQNNGHYFDTAIVNSDLDKAYQELLRLINKLDTEPQWVPSTWLR
;
A,B
2 'polypeptide(L)' GPGSEFRNKRATRGTYSPSAQEYCNPRLEMDNVLKPPPEERLI X,Y
#
# COMPACT_ATOMS: atom_id res chain seq x y z
N GLU A 13 -38.27 -20.47 -20.33
CA GLU A 13 -38.74 -21.11 -21.56
C GLU A 13 -37.58 -21.46 -22.48
N SER A 14 -37.62 -22.66 -23.06
CA SER A 14 -36.57 -23.13 -23.96
C SER A 14 -37.12 -23.58 -25.30
N ILE A 15 -36.37 -23.31 -26.37
CA ILE A 15 -36.75 -23.72 -27.71
C ILE A 15 -35.59 -24.42 -28.41
N GLY A 16 -35.83 -25.62 -28.91
CA GLY A 16 -34.83 -26.35 -29.65
C GLY A 16 -34.68 -25.77 -31.06
N GLN A 17 -33.46 -25.80 -31.58
CA GLN A 17 -33.20 -25.29 -32.92
C GLN A 17 -32.81 -26.40 -33.87
N TYR A 18 -33.20 -26.25 -35.14
CA TYR A 18 -32.93 -27.26 -36.18
C TYR A 18 -31.45 -27.62 -36.29
N GLY A 19 -30.62 -26.61 -36.53
CA GLY A 19 -29.20 -26.85 -36.72
C GLY A 19 -28.36 -26.56 -35.49
N GLY A 20 -28.64 -25.43 -34.84
CA GLY A 20 -27.87 -25.00 -33.68
C GLY A 20 -28.24 -25.75 -32.41
N GLU A 21 -28.01 -25.09 -31.27
CA GLU A 21 -28.28 -25.69 -29.98
C GLU A 21 -29.65 -25.26 -29.47
N THR A 22 -29.96 -25.62 -28.24
CA THR A 22 -31.20 -25.22 -27.60
C THR A 22 -31.06 -23.81 -27.05
N VAL A 23 -32.02 -22.94 -27.37
CA VAL A 23 -31.98 -21.56 -26.89
C VAL A 23 -32.80 -21.41 -25.61
N LYS A 24 -32.59 -20.29 -24.93
CA LYS A 24 -33.21 -20.01 -23.64
C LYS A 24 -33.93 -18.68 -23.71
N ILE A 25 -35.23 -18.68 -23.44
CA ILE A 25 -36.01 -17.44 -23.48
C ILE A 25 -36.36 -16.92 -22.09
N VAL A 26 -35.86 -15.74 -21.75
CA VAL A 26 -36.15 -15.12 -20.46
C VAL A 26 -36.76 -13.74 -20.63
N ARG A 27 -37.57 -13.33 -19.66
CA ARG A 27 -38.24 -12.04 -19.72
C ARG A 27 -37.90 -11.16 -18.52
N ILE A 28 -37.28 -10.02 -18.79
CA ILE A 28 -36.89 -9.09 -17.73
C ILE A 28 -37.47 -7.71 -17.98
N GLU A 29 -38.04 -7.12 -16.95
CA GLU A 29 -38.62 -5.77 -17.06
C GLU A 29 -37.53 -4.71 -17.11
N LYS A 30 -37.71 -3.74 -17.99
CA LYS A 30 -36.74 -2.68 -18.18
C LYS A 30 -37.42 -1.32 -17.99
N ALA A 31 -36.81 -0.44 -17.21
CA ALA A 31 -37.37 0.89 -16.98
C ALA A 31 -36.73 1.90 -17.91
N ARG A 32 -37.52 2.85 -18.39
CA ARG A 32 -37.03 3.87 -19.31
C ARG A 32 -35.85 4.64 -18.72
N ASP A 33 -34.75 4.64 -19.47
CA ASP A 33 -33.51 5.32 -19.07
C ASP A 33 -32.85 4.73 -17.81
N ILE A 34 -33.26 3.52 -17.45
CA ILE A 34 -32.64 2.82 -16.31
C ILE A 34 -32.07 1.48 -16.75
N PRO A 35 -30.73 1.39 -16.82
CA PRO A 35 -29.99 0.18 -17.23
C PRO A 35 -30.33 -1.05 -16.41
N LEU A 36 -30.34 -2.21 -17.06
CA LEU A 36 -30.66 -3.48 -16.41
C LEU A 36 -29.63 -3.87 -15.35
N GLY A 37 -28.39 -3.45 -15.57
CA GLY A 37 -27.30 -3.80 -14.68
C GLY A 37 -26.53 -5.02 -15.15
N ALA A 38 -26.43 -5.16 -16.47
CA ALA A 38 -25.63 -6.24 -17.06
C ALA A 38 -24.74 -5.65 -18.15
N THR A 39 -23.53 -6.16 -18.26
CA THR A 39 -22.61 -5.69 -19.31
C THR A 39 -22.40 -6.75 -20.38
N VAL A 40 -22.16 -6.30 -21.60
CA VAL A 40 -21.94 -7.20 -22.73
C VAL A 40 -20.61 -6.91 -23.42
N ARG A 41 -19.92 -7.98 -23.81
CA ARG A 41 -18.70 -7.84 -24.59
C ARG A 41 -18.89 -8.56 -25.91
N ASN A 42 -18.11 -8.17 -26.91
CA ASN A 42 -18.10 -8.88 -28.18
C ASN A 42 -17.02 -9.96 -28.21
N GLU A 43 -17.44 -11.19 -28.45
CA GLU A 43 -16.52 -12.27 -28.75
C GLU A 43 -16.82 -12.71 -30.18
N MET A 44 -15.96 -12.27 -31.10
CA MET A 44 -16.22 -12.40 -32.54
C MET A 44 -17.50 -11.64 -32.89
N ASP A 45 -18.39 -12.30 -33.62
CA ASP A 45 -19.64 -11.68 -34.03
C ASP A 45 -20.68 -11.73 -32.92
N SER A 46 -20.38 -12.47 -31.86
CA SER A 46 -21.35 -12.71 -30.80
C SER A 46 -21.42 -11.59 -29.76
N VAL A 47 -22.59 -11.46 -29.15
CA VAL A 47 -22.78 -10.59 -28.00
C VAL A 47 -22.91 -11.47 -26.77
N ILE A 48 -22.00 -11.28 -25.81
CA ILE A 48 -21.97 -12.13 -24.63
C ILE A 48 -22.21 -11.33 -23.37
N ILE A 49 -23.13 -11.80 -22.54
CA ILE A 49 -23.33 -11.25 -21.21
C ILE A 49 -22.06 -11.54 -20.40
N SER A 50 -21.29 -10.50 -20.10
CA SER A 50 -19.97 -10.71 -19.49
C SER A 50 -19.94 -10.45 -17.99
N ARG A 51 -20.96 -9.79 -17.46
CA ARG A 51 -20.96 -9.37 -16.06
C ARG A 51 -22.34 -8.96 -15.56
N ILE A 52 -22.72 -9.46 -14.39
CA ILE A 52 -23.98 -9.07 -13.77
C ILE A 52 -23.75 -8.13 -12.60
N VAL A 53 -24.22 -6.89 -12.73
CA VAL A 53 -24.00 -5.87 -11.70
C VAL A 53 -25.08 -5.93 -10.61
N LYS A 54 -24.64 -5.91 -9.36
CA LYS A 54 -25.55 -5.94 -8.22
C LYS A 54 -26.39 -4.67 -8.15
N GLY A 55 -27.68 -4.84 -7.86
CA GLY A 55 -28.55 -3.70 -7.65
C GLY A 55 -29.43 -3.35 -8.83
N GLY A 56 -29.27 -4.08 -9.92
CA GLY A 56 -30.06 -3.87 -11.12
C GLY A 56 -31.14 -4.93 -11.28
N ALA A 57 -32.03 -4.71 -12.23
CA ALA A 57 -33.12 -5.65 -12.49
C ALA A 57 -32.56 -6.98 -12.98
N ALA A 58 -31.50 -6.92 -13.77
CA ALA A 58 -30.86 -8.11 -14.33
C ALA A 58 -30.40 -9.06 -13.23
N GLU A 59 -29.87 -8.49 -12.16
CA GLU A 59 -29.35 -9.29 -11.07
C GLU A 59 -30.47 -9.85 -10.20
N LYS A 60 -31.48 -9.02 -9.92
CA LYS A 60 -32.59 -9.43 -9.06
C LYS A 60 -33.39 -10.58 -9.65
N SER A 61 -33.55 -10.58 -10.97
CA SER A 61 -34.32 -11.62 -11.65
C SER A 61 -33.56 -12.94 -11.66
N GLY A 62 -32.24 -12.87 -11.71
CA GLY A 62 -31.41 -14.06 -11.78
C GLY A 62 -31.64 -14.85 -13.04
N LEU A 63 -32.03 -14.15 -14.11
CA LEU A 63 -32.34 -14.78 -15.39
C LEU A 63 -31.19 -14.66 -16.38
N LEU A 64 -30.30 -13.71 -16.12
CA LEU A 64 -29.12 -13.53 -16.95
C LEU A 64 -27.88 -14.02 -16.22
N HIS A 65 -27.01 -14.72 -16.95
CA HIS A 65 -25.80 -15.28 -16.36
C HIS A 65 -24.60 -14.89 -17.20
N GLU A 66 -23.44 -14.76 -16.56
CA GLU A 66 -22.21 -14.43 -17.24
C GLU A 66 -21.84 -15.55 -18.22
N GLY A 67 -21.73 -15.21 -19.50
CA GLY A 67 -21.41 -16.18 -20.53
C GLY A 67 -22.58 -16.45 -21.45
N ASP A 68 -23.77 -16.02 -21.04
CA ASP A 68 -24.96 -16.14 -21.87
C ASP A 68 -24.79 -15.35 -23.16
N GLU A 69 -24.98 -16.01 -24.30
CA GLU A 69 -24.93 -15.31 -25.58
C GLU A 69 -26.30 -14.75 -25.92
N VAL A 70 -26.36 -13.47 -26.28
CA VAL A 70 -27.62 -12.84 -26.66
C VAL A 70 -27.86 -12.93 -28.16
N LEU A 71 -28.81 -13.78 -28.55
CA LEU A 71 -29.16 -13.93 -29.96
C LEU A 71 -30.16 -12.87 -30.39
N GLU A 72 -31.22 -12.72 -29.61
CA GLU A 72 -32.27 -11.75 -29.93
C GLU A 72 -32.82 -11.09 -28.69
N ILE A 73 -33.30 -9.86 -28.86
CA ILE A 73 -34.02 -9.14 -27.82
C ILE A 73 -35.23 -8.47 -28.47
N ASN A 74 -36.43 -8.92 -28.08
CA ASN A 74 -37.67 -8.37 -28.64
C ASN A 74 -37.72 -8.38 -30.16
N GLY A 75 -37.35 -9.50 -30.76
CA GLY A 75 -37.41 -9.65 -32.20
C GLY A 75 -36.24 -9.06 -32.97
N ILE A 76 -35.34 -8.39 -32.26
CA ILE A 76 -34.18 -7.78 -32.91
C ILE A 76 -33.00 -8.72 -32.96
N GLU A 77 -32.39 -8.84 -34.14
CA GLU A 77 -31.16 -9.61 -34.29
C GLU A 77 -30.03 -8.92 -33.55
N ILE A 78 -29.58 -9.51 -32.45
CA ILE A 78 -28.49 -8.95 -31.65
C ILE A 78 -27.13 -9.49 -32.12
N ARG A 79 -27.09 -10.78 -32.44
CA ARG A 79 -25.88 -11.40 -32.98
C ARG A 79 -25.38 -10.63 -34.20
N GLY A 80 -24.09 -10.30 -34.19
CA GLY A 80 -23.50 -9.56 -35.28
C GLY A 80 -23.28 -8.10 -34.95
N LYS A 81 -23.97 -7.63 -33.90
CA LYS A 81 -23.88 -6.22 -33.51
C LYS A 81 -22.64 -5.92 -32.67
N ASP A 82 -22.06 -4.75 -32.89
CA ASP A 82 -21.03 -4.24 -32.01
C ASP A 82 -21.70 -3.89 -30.70
N VAL A 83 -20.99 -4.07 -29.59
CA VAL A 83 -21.58 -3.80 -28.27
C VAL A 83 -21.95 -2.33 -28.12
N ASN A 84 -21.30 -1.46 -28.89
CA ASN A 84 -21.65 -0.06 -28.90
C ASN A 84 -23.05 0.16 -29.48
N GLU A 85 -23.44 -0.70 -30.41
CA GLU A 85 -24.78 -0.65 -30.99
C GLU A 85 -25.79 -1.23 -30.01
N VAL A 86 -25.41 -2.31 -29.34
CA VAL A 86 -26.26 -2.92 -28.33
C VAL A 86 -26.48 -1.96 -27.17
N PHE A 87 -25.45 -1.19 -26.86
CA PHE A 87 -25.52 -0.18 -25.80
C PHE A 87 -26.54 0.89 -26.16
N ASP A 88 -26.41 1.45 -27.35
CA ASP A 88 -27.33 2.50 -27.82
C ASP A 88 -28.75 1.99 -27.90
N LEU A 89 -28.90 0.74 -28.33
CA LEU A 89 -30.22 0.14 -28.53
C LEU A 89 -31.00 -0.01 -27.23
N LEU A 90 -30.42 -0.71 -26.24
CA LEU A 90 -31.11 -0.93 -24.98
C LEU A 90 -31.33 0.34 -24.17
N SER A 91 -30.53 1.38 -24.46
CA SER A 91 -30.71 2.65 -23.79
C SER A 91 -32.02 3.29 -24.25
N ASP A 92 -32.47 2.90 -25.43
CA ASP A 92 -33.69 3.43 -26.02
C ASP A 92 -34.85 2.46 -25.86
N MET A 93 -34.67 1.43 -25.06
CA MET A 93 -35.70 0.42 -24.87
C MET A 93 -36.29 0.47 -23.46
N HIS A 94 -37.51 -0.02 -23.32
CA HIS A 94 -38.16 -0.13 -22.02
C HIS A 94 -39.25 -1.19 -22.06
N GLY A 95 -39.87 -1.43 -20.92
CA GLY A 95 -40.93 -2.42 -20.82
C GLY A 95 -40.38 -3.82 -20.72
N THR A 96 -41.21 -4.81 -21.02
CA THR A 96 -40.79 -6.20 -20.98
C THR A 96 -39.79 -6.47 -22.10
N LEU A 97 -38.63 -6.99 -21.72
CA LEU A 97 -37.62 -7.39 -22.70
C LEU A 97 -37.52 -8.90 -22.76
N THR A 98 -37.82 -9.45 -23.93
CA THR A 98 -37.71 -10.90 -24.13
C THR A 98 -36.35 -11.24 -24.74
N PHE A 99 -35.54 -11.95 -23.98
CA PHE A 99 -34.21 -12.36 -24.44
C PHE A 99 -34.21 -13.76 -25.02
N VAL A 100 -33.53 -13.93 -26.14
CA VAL A 100 -33.28 -15.26 -26.68
C VAL A 100 -31.79 -15.53 -26.53
N LEU A 101 -31.45 -16.51 -25.69
CA LEU A 101 -30.06 -16.72 -25.31
C LEU A 101 -29.56 -18.13 -25.63
N ILE A 102 -28.28 -18.22 -25.91
CA ILE A 102 -27.57 -19.49 -25.84
C ILE A 102 -26.96 -19.52 -24.45
N PRO A 103 -27.57 -20.30 -23.54
CA PRO A 103 -27.22 -20.30 -22.11
C PRO A 103 -25.73 -20.53 -21.89
N SER A 104 -25.18 -19.83 -20.90
CA SER A 104 -23.75 -19.90 -20.58
C SER A 104 -23.30 -21.33 -20.32
N GLN A 105 -22.06 -21.63 -20.72
CA GLN A 105 -21.47 -22.93 -20.47
C GLN A 105 -20.50 -22.83 -19.30
N GLN A 106 -20.44 -21.66 -18.69
CA GLN A 106 -19.59 -21.44 -17.53
C GLN A 106 -20.18 -22.14 -16.32
N ILE A 107 -19.35 -22.32 -15.29
CA ILE A 107 -19.79 -23.01 -14.08
C ILE A 107 -19.60 -22.13 -12.85
N LYS A 108 -20.69 -21.48 -12.44
CA LYS A 108 -20.69 -20.66 -11.23
C LYS A 108 -21.21 -21.49 -10.06
N PRO A 109 -20.65 -21.29 -8.86
CA PRO A 109 -21.05 -22.06 -7.69
C PRO A 109 -22.49 -21.79 -7.27
N PRO A 110 -23.13 -22.74 -6.56
CA PRO A 110 -24.47 -22.55 -6.02
C PRO A 110 -24.58 -21.25 -5.24
N PRO A 111 -25.71 -20.53 -5.37
CA PRO A 111 -25.90 -19.18 -4.84
C PRO A 111 -25.59 -19.06 -3.34
N ALA A 112 -24.53 -18.32 -3.02
CA ALA A 112 -24.17 -18.06 -1.63
C ALA A 112 -24.91 -16.82 -1.13
N LYS A 113 -25.14 -16.74 0.18
CA LYS A 113 -25.76 -15.55 0.76
C LYS A 113 -24.87 -14.36 0.50
N GLU A 114 -25.46 -13.22 0.15
CA GLU A 114 -24.68 -12.04 -0.19
C GLU A 114 -23.82 -11.56 0.98
N THR A 115 -22.52 -11.84 0.89
CA THR A 115 -21.58 -11.46 1.95
C THR A 115 -20.89 -10.14 1.63
N VAL A 116 -21.15 -9.12 2.43
CA VAL A 116 -20.51 -7.82 2.25
C VAL A 116 -19.23 -7.74 3.06
N ILE A 117 -18.21 -7.13 2.48
CA ILE A 117 -16.94 -6.91 3.16
C ILE A 117 -16.60 -5.43 3.15
N HIS A 118 -16.41 -4.86 4.34
CA HIS A 118 -16.19 -3.43 4.47
C HIS A 118 -14.71 -3.12 4.60
N VAL A 119 -14.18 -2.35 3.66
CA VAL A 119 -12.77 -2.02 3.67
C VAL A 119 -12.53 -0.52 3.68
N LYS A 120 -11.32 -0.13 4.07
CA LYS A 120 -10.89 1.25 4.04
C LYS A 120 -9.78 1.36 3.00
N ALA A 121 -9.92 2.30 2.07
CA ALA A 121 -8.93 2.47 1.02
C ALA A 121 -7.74 3.29 1.52
N HIS A 122 -6.54 2.80 1.24
CA HIS A 122 -5.32 3.53 1.57
C HIS A 122 -4.60 4.02 0.32
N PHE A 123 -5.37 4.18 -0.76
CA PHE A 123 -4.83 4.70 -2.00
C PHE A 123 -5.93 5.42 -2.79
N ASP A 124 -5.53 6.32 -3.68
CA ASP A 124 -6.48 7.04 -4.52
C ASP A 124 -6.71 6.29 -5.81
N TYR A 125 -7.95 6.27 -6.28
CA TYR A 125 -8.28 5.62 -7.54
C TYR A 125 -9.25 6.44 -8.38
N ASP A 126 -8.82 6.75 -9.60
CA ASP A 126 -9.67 7.42 -10.57
C ASP A 126 -9.77 6.54 -11.81
N PRO A 127 -10.94 5.93 -12.02
CA PRO A 127 -11.14 4.95 -13.10
C PRO A 127 -10.96 5.54 -14.50
N SER A 128 -10.99 6.86 -14.62
CA SER A 128 -10.76 7.52 -15.90
C SER A 128 -9.27 7.53 -16.25
N ASP A 129 -8.44 7.28 -15.25
CA ASP A 129 -7.00 7.17 -15.46
C ASP A 129 -6.60 5.71 -15.62
N ASP A 130 -7.60 4.82 -15.57
CA ASP A 130 -7.35 3.39 -15.66
C ASP A 130 -7.64 2.88 -17.06
N PRO A 131 -6.62 2.31 -17.73
CA PRO A 131 -6.80 1.74 -19.07
C PRO A 131 -7.43 0.35 -18.98
N TYR A 132 -7.29 -0.30 -17.83
CA TYR A 132 -7.68 -1.70 -17.69
C TYR A 132 -9.14 -1.88 -17.28
N VAL A 133 -9.81 -0.81 -16.88
CA VAL A 133 -11.20 -0.90 -16.42
C VAL A 133 -12.10 -1.48 -17.51
N PRO A 134 -12.74 -2.62 -17.22
CA PRO A 134 -13.51 -3.41 -18.18
C PRO A 134 -14.71 -2.65 -18.72
N CYS A 135 -15.41 -1.94 -17.83
CA CYS A 135 -16.56 -1.14 -18.22
C CYS A 135 -16.45 0.23 -17.58
N ARG A 136 -15.98 1.21 -18.35
CA ARG A 136 -15.67 2.53 -17.83
C ARG A 136 -16.85 3.23 -17.15
N GLU A 137 -18.05 2.94 -17.64
N GLU A 137 -18.06 2.95 -17.64
CA GLU A 137 -19.27 3.53 -17.09
CA GLU A 137 -19.27 3.55 -17.09
C GLU A 137 -19.47 3.09 -15.64
C GLU A 137 -19.51 3.08 -15.66
N LEU A 138 -18.91 1.94 -15.30
CA LEU A 138 -19.08 1.35 -13.98
C LEU A 138 -17.95 1.69 -13.03
N GLY A 139 -16.96 2.42 -13.52
CA GLY A 139 -15.80 2.77 -12.71
C GLY A 139 -16.19 3.58 -11.49
N LEU A 140 -15.73 3.14 -10.32
CA LEU A 140 -16.03 3.82 -9.07
C LEU A 140 -14.79 4.48 -8.48
N SER A 141 -14.82 5.80 -8.37
CA SER A 141 -13.68 6.55 -7.84
C SER A 141 -13.72 6.60 -6.31
N PHE A 142 -12.53 6.67 -5.70
CA PHE A 142 -12.42 6.80 -4.26
C PHE A 142 -11.07 7.36 -3.83
N GLN A 143 -11.01 7.92 -2.63
CA GLN A 143 -9.79 8.53 -2.11
C GLN A 143 -9.32 7.84 -0.84
N LYS A 144 -8.10 8.15 -0.41
CA LYS A 144 -7.55 7.58 0.82
C LYS A 144 -8.47 7.89 1.98
N GLY A 145 -8.90 6.85 2.69
CA GLY A 145 -9.75 7.02 3.85
C GLY A 145 -11.21 6.70 3.59
N ASP A 146 -11.60 6.65 2.32
CA ASP A 146 -12.96 6.29 1.96
C ASP A 146 -13.26 4.86 2.36
N ILE A 147 -14.48 4.62 2.84
CA ILE A 147 -14.91 3.28 3.19
C ILE A 147 -15.66 2.69 2.01
N LEU A 148 -15.28 1.48 1.61
CA LEU A 148 -15.95 0.79 0.51
C LEU A 148 -16.72 -0.42 1.01
N HIS A 149 -17.95 -0.58 0.53
CA HIS A 149 -18.73 -1.77 0.83
C HIS A 149 -18.65 -2.73 -0.34
N VAL A 150 -17.73 -3.69 -0.24
CA VAL A 150 -17.48 -4.62 -1.32
C VAL A 150 -18.54 -5.73 -1.36
N ILE A 151 -19.49 -5.59 -2.28
CA ILE A 151 -20.61 -6.52 -2.39
C ILE A 151 -20.23 -7.82 -3.09
N SER A 152 -19.34 -7.73 -4.07
CA SER A 152 -18.95 -8.91 -4.85
C SER A 152 -17.47 -8.95 -5.16
N GLN A 153 -16.86 -10.10 -4.91
CA GLN A 153 -15.48 -10.34 -5.28
C GLN A 153 -15.36 -11.51 -6.24
N GLU A 154 -16.46 -11.82 -6.93
CA GLU A 154 -16.51 -12.99 -7.81
C GLU A 154 -15.44 -12.87 -8.90
N ASP A 155 -15.14 -11.63 -9.26
CA ASP A 155 -14.05 -11.30 -10.18
C ASP A 155 -12.90 -10.74 -9.34
N PRO A 156 -11.86 -11.56 -9.09
CA PRO A 156 -10.77 -11.15 -8.18
C PRO A 156 -10.08 -9.85 -8.59
N ASN A 157 -10.13 -9.50 -9.87
CA ASN A 157 -9.45 -8.29 -10.34
C ASN A 157 -10.37 -7.07 -10.37
N TRP A 158 -11.68 -7.33 -10.32
CA TRP A 158 -12.66 -6.23 -10.29
C TRP A 158 -13.79 -6.49 -9.29
N TRP A 159 -13.74 -5.80 -8.15
CA TRP A 159 -14.76 -5.98 -7.13
C TRP A 159 -15.92 -5.03 -7.38
N GLN A 160 -17.12 -5.49 -7.09
CA GLN A 160 -18.29 -4.62 -7.15
C GLN A 160 -18.52 -4.01 -5.78
N ALA A 161 -18.62 -2.69 -5.73
CA ALA A 161 -18.70 -2.01 -4.44
C ALA A 161 -19.48 -0.71 -4.49
N TYR A 162 -20.00 -0.31 -3.34
CA TYR A 162 -20.56 1.01 -3.16
C TYR A 162 -19.64 1.82 -2.27
N ARG A 163 -19.52 3.11 -2.55
CA ARG A 163 -18.70 3.98 -1.72
C ARG A 163 -19.58 4.70 -0.70
N GLU A 164 -19.27 4.56 0.59
CA GLU A 164 -20.04 5.23 1.62
C GLU A 164 -19.91 6.74 1.51
N GLY A 165 -21.03 7.43 1.49
CA GLY A 165 -21.04 8.86 1.28
C GLY A 165 -21.31 9.23 -0.17
N ASP A 166 -21.66 8.22 -0.97
CA ASP A 166 -22.06 8.46 -2.36
C ASP A 166 -23.46 9.03 -2.34
N GLU A 167 -23.57 10.34 -2.52
CA GLU A 167 -24.82 11.06 -2.30
C GLU A 167 -25.94 10.74 -3.30
N ASP A 168 -25.57 10.37 -4.51
CA ASP A 168 -26.58 10.02 -5.51
C ASP A 168 -27.16 8.62 -5.25
N ASN A 169 -28.44 8.44 -5.55
CA ASN A 169 -29.03 7.11 -5.54
C ASN A 169 -28.32 6.29 -6.59
N GLN A 170 -27.54 5.30 -6.15
CA GLN A 170 -26.55 4.66 -7.02
C GLN A 170 -27.07 4.26 -8.41
N PRO A 171 -27.99 3.26 -8.52
CA PRO A 171 -28.44 2.19 -7.62
C PRO A 171 -27.59 0.97 -7.90
N LEU A 172 -26.75 1.08 -8.94
CA LEU A 172 -25.84 0.01 -9.33
C LEU A 172 -24.53 0.11 -8.59
N ALA A 173 -23.91 -1.04 -8.34
CA ALA A 173 -22.59 -1.07 -7.73
C ALA A 173 -21.57 -0.57 -8.74
N GLY A 174 -20.36 -0.30 -8.25
CA GLY A 174 -19.29 0.18 -9.11
C GLY A 174 -18.15 -0.81 -9.12
N LEU A 175 -17.21 -0.62 -10.05
CA LEU A 175 -16.07 -1.51 -10.15
C LEU A 175 -14.82 -0.87 -9.54
N VAL A 176 -14.15 -1.62 -8.67
CA VAL A 176 -12.91 -1.17 -8.05
C VAL A 176 -11.83 -2.25 -8.21
N PRO A 177 -10.57 -1.83 -8.30
CA PRO A 177 -9.42 -2.73 -8.43
C PRO A 177 -9.39 -3.75 -7.29
N GLY A 178 -9.12 -5.00 -7.62
CA GLY A 178 -9.08 -6.07 -6.64
C GLY A 178 -7.67 -6.37 -6.21
N LYS A 179 -7.04 -5.38 -5.57
CA LYS A 179 -5.68 -5.51 -5.10
C LYS A 179 -5.61 -6.40 -3.87
N GLU A 180 -4.54 -7.18 -3.76
CA GLU A 180 -4.26 -7.94 -2.55
C GLU A 180 -3.66 -6.98 -1.54
N GLU A 181 -3.51 -7.45 -0.30
CA GLU A 181 -2.91 -6.62 0.73
C GLU A 181 -1.44 -6.39 0.45
N ILE A 182 -1.14 -5.20 -0.07
CA ILE A 182 0.24 -4.77 -0.26
C ILE A 182 0.65 -3.94 0.96
N LEU A 183 1.66 -4.41 1.67
CA LEU A 183 2.17 -3.66 2.82
C LEU A 183 3.22 -2.65 2.37
N THR A 184 3.63 -1.79 3.29
CA THR A 184 4.69 -0.82 3.03
C THR A 184 6.02 -1.54 2.92
N TYR A 185 6.30 -2.40 3.90
CA TYR A 185 7.45 -3.30 3.82
C TYR A 185 6.96 -4.74 3.79
N GLU A 186 7.44 -5.50 2.80
CA GLU A 186 7.10 -6.91 2.70
C GLU A 186 8.34 -7.73 3.07
N GLU A 187 8.18 -8.65 4.02
CA GLU A 187 9.33 -9.44 4.48
C GLU A 187 9.82 -10.40 3.41
N MET A 188 11.14 -10.42 3.21
CA MET A 188 11.74 -11.19 2.13
C MET A 188 12.76 -12.19 2.64
N SER A 189 12.95 -13.26 1.90
CA SER A 189 13.93 -14.28 2.25
C SER A 189 14.69 -14.72 1.01
N LEU A 190 15.96 -15.10 1.18
CA LEU A 190 16.76 -15.55 0.06
C LEU A 190 16.35 -16.95 -0.39
N TYR A 191 16.27 -17.14 -1.70
CA TYR A 191 15.96 -18.44 -2.28
C TYR A 191 16.96 -18.79 -3.36
N HIS A 192 17.69 -19.87 -3.16
CA HIS A 192 18.64 -20.35 -4.16
C HIS A 192 17.90 -21.23 -5.16
N GLN A 193 18.10 -20.96 -6.44
CA GLN A 193 17.49 -21.78 -7.48
C GLN A 193 18.20 -23.12 -7.54
N PRO A 194 17.47 -24.21 -7.26
CA PRO A 194 18.05 -25.56 -7.32
C PRO A 194 18.56 -25.86 -8.73
N ALA A 195 19.55 -26.74 -8.83
CA ALA A 195 20.16 -27.04 -10.12
C ALA A 195 19.16 -27.65 -11.10
N ASN A 196 18.33 -28.56 -10.61
CA ASN A 196 17.40 -29.28 -11.47
C ASN A 196 15.96 -28.77 -11.41
N ARG A 197 15.74 -27.67 -10.70
CA ARG A 197 14.41 -27.08 -10.58
C ARG A 197 14.45 -25.58 -10.89
N LYS A 198 14.47 -25.24 -12.16
CA LYS A 198 14.58 -23.85 -12.59
C LYS A 198 13.29 -23.08 -12.33
N ARG A 199 13.43 -21.81 -11.93
CA ARG A 199 12.27 -20.96 -11.73
C ARG A 199 11.70 -20.55 -13.08
N PRO A 200 10.38 -20.63 -13.23
CA PRO A 200 9.72 -20.20 -14.46
C PRO A 200 9.99 -18.73 -14.73
N ILE A 201 10.59 -18.42 -15.86
CA ILE A 201 10.80 -17.04 -16.24
C ILE A 201 9.51 -16.51 -16.85
N ILE A 202 8.98 -15.45 -16.25
CA ILE A 202 7.69 -14.92 -16.70
C ILE A 202 7.77 -13.46 -17.11
N LEU A 203 7.31 -13.19 -18.33
CA LEU A 203 7.41 -11.86 -18.91
C LEU A 203 6.07 -11.13 -18.87
N ILE A 204 6.12 -9.86 -18.47
CA ILE A 204 4.92 -9.02 -18.43
C ILE A 204 5.21 -7.65 -19.01
N GLY A 205 4.17 -6.85 -19.22
CA GLY A 205 4.30 -5.53 -19.78
C GLY A 205 3.45 -5.32 -21.01
N PRO A 206 3.47 -4.10 -21.57
CA PRO A 206 2.71 -3.70 -22.76
C PRO A 206 2.91 -4.65 -23.95
N GLN A 207 2.02 -4.58 -24.92
CA GLN A 207 1.96 -5.59 -25.98
C GLN A 207 3.12 -5.57 -26.97
N ASN A 208 3.25 -4.46 -27.70
CA ASN A 208 4.22 -4.38 -28.79
C ASN A 208 5.62 -3.91 -28.37
N CYS A 209 6.05 -4.29 -27.17
CA CYS A 209 7.38 -3.91 -26.71
C CYS A 209 8.39 -5.03 -26.91
N GLY A 210 8.15 -5.86 -27.92
CA GLY A 210 9.07 -6.92 -28.29
C GLY A 210 9.09 -8.09 -27.32
N GLN A 211 8.06 -8.19 -26.48
CA GLN A 211 8.00 -9.26 -25.50
C GLN A 211 7.88 -10.63 -26.16
N ASN A 212 6.94 -10.77 -27.09
CA ASN A 212 6.78 -12.02 -27.82
C ASN A 212 8.01 -12.35 -28.66
N GLU A 213 8.69 -11.31 -29.13
CA GLU A 213 9.89 -11.48 -29.94
C GLU A 213 11.05 -12.03 -29.10
N LEU A 214 11.25 -11.45 -27.92
CA LEU A 214 12.32 -11.88 -27.02
C LEU A 214 12.15 -13.33 -26.57
N ARG A 215 10.90 -13.75 -26.39
CA ARG A 215 10.59 -15.13 -26.04
C ARG A 215 11.09 -16.10 -27.11
N GLN A 216 10.62 -15.91 -28.33
CA GLN A 216 10.99 -16.79 -29.44
C GLN A 216 12.48 -16.77 -29.70
N ARG A 217 13.11 -15.63 -29.49
CA ARG A 217 14.55 -15.51 -29.64
C ARG A 217 15.27 -16.34 -28.58
N LEU A 218 14.65 -16.49 -27.41
CA LEU A 218 15.20 -17.35 -26.37
C LEU A 218 14.92 -18.82 -26.69
N MET A 219 13.67 -19.11 -27.03
CA MET A 219 13.24 -20.47 -27.32
C MET A 219 14.03 -21.12 -28.47
N ASN A 220 14.51 -20.30 -29.39
CA ASN A 220 15.22 -20.79 -30.58
C ASN A 220 16.74 -20.75 -30.45
N LYS A 221 17.27 -19.58 -30.09
CA LYS A 221 18.72 -19.38 -29.98
C LYS A 221 19.34 -20.21 -28.86
N GLU A 222 18.51 -20.63 -27.90
CA GLU A 222 18.95 -21.52 -26.83
C GLU A 222 17.88 -22.58 -26.57
N LYS A 223 17.62 -23.41 -27.58
CA LYS A 223 16.50 -24.35 -27.56
C LYS A 223 16.59 -25.43 -26.48
N ASP A 224 17.82 -25.77 -26.09
CA ASP A 224 18.04 -26.86 -25.15
C ASP A 224 17.62 -26.53 -23.71
N ARG A 225 17.69 -25.26 -23.34
CA ARG A 225 17.43 -24.86 -21.96
C ARG A 225 15.96 -24.52 -21.69
N PHE A 226 15.32 -23.85 -22.64
CA PHE A 226 13.97 -23.35 -22.42
C PHE A 226 12.88 -24.29 -22.93
N ALA A 227 11.70 -24.16 -22.32
CA ALA A 227 10.54 -24.94 -22.74
C ALA A 227 9.29 -24.12 -22.48
N SER A 228 8.17 -24.57 -23.03
CA SER A 228 6.90 -23.88 -22.82
C SER A 228 5.87 -24.82 -22.21
N ALA A 229 5.14 -24.31 -21.23
CA ALA A 229 4.06 -25.08 -20.63
C ALA A 229 3.02 -25.40 -21.69
N VAL A 230 2.58 -26.66 -21.73
CA VAL A 230 1.57 -27.09 -22.69
C VAL A 230 0.21 -26.58 -22.25
N PRO A 231 -0.35 -25.63 -23.01
CA PRO A 231 -1.62 -25.01 -22.63
C PRO A 231 -2.80 -25.93 -22.94
N HIS A 232 -3.98 -25.57 -22.44
CA HIS A 232 -5.18 -26.31 -22.71
C HIS A 232 -5.98 -25.59 -23.76
N THR A 233 -6.82 -26.34 -24.48
CA THR A 233 -7.72 -25.72 -25.44
C THR A 233 -9.00 -26.53 -25.55
N THR A 234 -10.07 -25.88 -25.99
CA THR A 234 -11.33 -26.55 -26.25
C THR A 234 -11.45 -26.82 -27.75
N ARG A 235 -10.51 -26.25 -28.51
CA ARG A 235 -10.48 -26.45 -29.95
C ARG A 235 -10.22 -27.92 -30.25
N SER A 236 -11.00 -28.49 -31.16
CA SER A 236 -10.76 -29.85 -31.61
C SER A 236 -9.35 -29.94 -32.23
N ARG A 237 -8.62 -31.00 -31.89
CA ARG A 237 -7.23 -31.19 -32.34
C ARG A 237 -7.15 -31.36 -33.85
N ARG A 238 -6.15 -30.76 -34.48
CA ARG A 238 -6.01 -30.82 -35.92
C ARG A 238 -5.16 -32.01 -36.35
N ASP A 239 -4.94 -32.13 -37.66
CA ASP A 239 -4.30 -33.29 -38.25
C ASP A 239 -2.86 -33.51 -37.76
N GLN A 240 -2.02 -32.52 -37.99
CA GLN A 240 -0.61 -32.61 -37.59
C GLN A 240 -0.38 -32.00 -36.22
N GLU A 241 -1.30 -32.28 -35.30
CA GLU A 241 -1.14 -31.89 -33.91
C GLU A 241 -1.18 -33.10 -32.99
N VAL A 242 -0.40 -33.04 -31.92
CA VAL A 242 -0.31 -34.15 -30.98
C VAL A 242 -0.98 -33.77 -29.66
N ALA A 243 -1.77 -34.69 -29.12
CA ALA A 243 -2.56 -34.42 -27.92
C ALA A 243 -1.73 -34.23 -26.66
N GLY A 244 -0.42 -34.40 -26.78
CA GLY A 244 0.45 -34.29 -25.62
C GLY A 244 1.24 -32.99 -25.56
N ARG A 245 1.86 -32.61 -26.68
CA ARG A 245 2.79 -31.49 -26.67
C ARG A 245 2.21 -30.18 -27.20
N ASP A 246 1.38 -30.26 -28.24
CA ASP A 246 0.82 -29.04 -28.82
C ASP A 246 -0.17 -28.37 -27.86
N TYR A 247 -1.20 -29.12 -27.47
CA TYR A 247 -2.16 -28.66 -26.50
C TYR A 247 -2.69 -29.85 -25.72
N HIS A 248 -3.25 -29.60 -24.54
CA HIS A 248 -4.07 -30.59 -23.89
C HIS A 248 -5.49 -30.38 -24.39
N PHE A 249 -5.89 -31.14 -25.42
CA PHE A 249 -7.18 -30.94 -26.05
C PHE A 249 -8.31 -31.53 -25.21
N VAL A 250 -9.15 -30.64 -24.68
CA VAL A 250 -10.21 -31.05 -23.76
C VAL A 250 -11.56 -30.51 -24.23
N SER A 251 -12.65 -31.04 -23.64
CA SER A 251 -13.98 -30.54 -23.93
C SER A 251 -14.16 -29.19 -23.24
N ARG A 252 -15.21 -28.47 -23.60
CA ARG A 252 -15.44 -27.16 -23.00
C ARG A 252 -15.82 -27.28 -21.52
N GLN A 253 -16.58 -28.33 -21.20
CA GLN A 253 -16.99 -28.57 -19.82
C GLN A 253 -15.78 -28.82 -18.92
N ALA A 254 -14.83 -29.60 -19.40
CA ALA A 254 -13.61 -29.89 -18.67
C ALA A 254 -12.82 -28.62 -18.42
N PHE A 255 -12.74 -27.78 -19.45
CA PHE A 255 -12.03 -26.50 -19.35
C PHE A 255 -12.74 -25.60 -18.35
N GLU A 256 -14.05 -25.49 -18.49
CA GLU A 256 -14.86 -24.66 -17.59
C GLU A 256 -14.78 -25.17 -16.15
N ALA A 257 -14.69 -26.48 -15.98
CA ALA A 257 -14.56 -27.07 -14.66
C ALA A 257 -13.19 -26.73 -14.05
N ASP A 258 -12.15 -26.82 -14.86
CA ASP A 258 -10.80 -26.48 -14.42
C ASP A 258 -10.68 -25.01 -14.02
N ILE A 259 -11.35 -24.14 -14.77
CA ILE A 259 -11.40 -22.72 -14.47
C ILE A 259 -11.97 -22.47 -13.07
N ALA A 260 -13.10 -23.10 -12.80
CA ALA A 260 -13.77 -22.97 -11.51
C ALA A 260 -12.92 -23.58 -10.40
N ALA A 261 -12.20 -24.65 -10.72
CA ALA A 261 -11.37 -25.34 -9.73
C ALA A 261 -10.03 -24.64 -9.51
N GLY A 262 -9.89 -23.43 -10.04
CA GLY A 262 -8.68 -22.65 -9.88
C GLY A 262 -7.45 -23.28 -10.48
N LYS A 263 -7.65 -24.13 -11.48
CA LYS A 263 -6.54 -24.88 -12.08
C LYS A 263 -5.76 -24.10 -13.14
N PHE A 264 -6.27 -22.92 -13.50
CA PHE A 264 -5.62 -22.11 -14.55
C PHE A 264 -4.91 -20.88 -14.02
N ILE A 265 -3.69 -20.67 -14.50
CA ILE A 265 -2.94 -19.45 -14.23
C ILE A 265 -3.59 -18.29 -14.98
N GLU A 266 -3.85 -18.52 -16.25
CA GLU A 266 -4.48 -17.53 -17.11
C GLU A 266 -5.22 -18.24 -18.23
N HIS A 267 -6.41 -17.75 -18.56
CA HIS A 267 -7.17 -18.33 -19.66
C HIS A 267 -7.92 -17.24 -20.42
N GLY A 268 -8.02 -17.40 -21.73
CA GLY A 268 -8.75 -16.46 -22.55
C GLY A 268 -9.54 -17.16 -23.65
N GLU A 269 -10.23 -16.38 -24.47
CA GLU A 269 -11.02 -16.93 -25.56
C GLU A 269 -10.53 -16.43 -26.93
N PHE A 270 -10.32 -17.35 -27.85
CA PHE A 270 -9.93 -17.00 -29.22
C PHE A 270 -10.73 -17.78 -30.24
N GLU A 271 -11.44 -17.07 -31.10
CA GLU A 271 -12.28 -17.67 -32.13
C GLU A 271 -13.18 -18.77 -31.59
N LYS A 272 -14.04 -18.41 -30.64
CA LYS A 272 -15.06 -19.29 -30.09
C LYS A 272 -14.51 -20.56 -29.43
N ASN A 273 -13.24 -20.49 -29.04
CA ASN A 273 -12.61 -21.57 -28.27
C ASN A 273 -11.82 -20.98 -27.11
N LEU A 274 -11.65 -21.77 -26.05
CA LEU A 274 -10.92 -21.31 -24.88
C LEU A 274 -9.50 -21.81 -24.89
N TYR A 275 -8.56 -20.95 -24.49
CA TYR A 275 -7.16 -21.33 -24.36
C TYR A 275 -6.69 -20.88 -22.99
N GLY A 276 -5.74 -21.62 -22.42
CA GLY A 276 -5.24 -21.29 -21.10
C GLY A 276 -4.06 -22.11 -20.65
N THR A 277 -3.23 -21.54 -19.79
CA THR A 277 -2.07 -22.23 -19.25
C THR A 277 -2.34 -22.68 -17.82
N SER A 278 -2.40 -23.99 -17.61
CA SER A 278 -2.72 -24.54 -16.29
C SER A 278 -1.50 -24.48 -15.38
N ILE A 279 -1.75 -24.46 -14.07
CA ILE A 279 -0.69 -24.47 -13.08
C ILE A 279 0.16 -25.72 -13.20
N ASP A 280 -0.50 -26.87 -13.37
CA ASP A 280 0.21 -28.15 -13.53
C ASP A 280 1.13 -28.15 -14.75
N SER A 281 0.71 -27.46 -15.81
CA SER A 281 1.49 -27.38 -17.04
C SER A 281 2.87 -26.80 -16.77
N VAL A 282 2.92 -25.80 -15.90
CA VAL A 282 4.18 -25.15 -15.54
C VAL A 282 4.96 -26.01 -14.57
N ARG A 283 4.26 -26.60 -13.61
CA ARG A 283 4.89 -27.42 -12.58
C ARG A 283 5.55 -28.65 -13.21
N GLN A 284 4.99 -29.13 -14.30
CA GLN A 284 5.57 -30.24 -15.04
C GLN A 284 6.86 -29.83 -15.74
N VAL A 285 6.87 -28.61 -16.28
CA VAL A 285 8.05 -28.10 -16.98
C VAL A 285 9.19 -27.87 -15.99
N ILE A 286 8.86 -27.29 -14.84
CA ILE A 286 9.82 -27.09 -13.77
C ILE A 286 10.51 -28.40 -13.43
N ASN A 287 9.71 -29.45 -13.24
CA ASN A 287 10.22 -30.76 -12.85
C ASN A 287 11.08 -31.46 -13.90
N SER A 288 11.19 -30.86 -15.08
CA SER A 288 11.97 -31.46 -16.16
C SER A 288 13.42 -30.98 -16.15
N GLY A 289 13.67 -29.92 -15.39
CA GLY A 289 15.01 -29.35 -15.35
C GLY A 289 15.18 -28.23 -16.36
N LYS A 290 14.11 -27.94 -17.11
CA LYS A 290 14.13 -26.89 -18.10
C LYS A 290 13.56 -25.59 -17.54
N ILE A 291 13.86 -24.48 -18.22
CA ILE A 291 13.34 -23.18 -17.81
C ILE A 291 12.01 -22.90 -18.52
N CYS A 292 10.94 -22.81 -17.75
CA CYS A 292 9.63 -22.52 -18.31
C CYS A 292 9.55 -21.05 -18.71
N LEU A 293 9.25 -20.82 -19.98
CA LEU A 293 9.09 -19.46 -20.48
C LEU A 293 7.62 -19.17 -20.70
N LEU A 294 7.13 -18.06 -20.15
CA LEU A 294 5.71 -17.78 -20.16
C LEU A 294 5.39 -16.29 -20.13
N SER A 295 4.61 -15.84 -21.11
CA SER A 295 4.10 -14.47 -21.11
C SER A 295 2.70 -14.44 -20.51
N LEU A 296 2.48 -13.52 -19.57
CA LEU A 296 1.20 -13.36 -18.92
C LEU A 296 0.74 -11.91 -18.95
N ARG A 297 -0.57 -11.71 -18.85
CA ARG A 297 -1.10 -10.37 -18.64
C ARG A 297 -0.92 -10.04 -17.16
N THR A 298 -0.61 -8.79 -16.87
CA THR A 298 -0.35 -8.33 -15.49
C THR A 298 -1.46 -8.75 -14.53
N GLN A 299 -2.68 -8.82 -15.06
CA GLN A 299 -3.85 -9.25 -14.32
C GLN A 299 -3.69 -10.64 -13.72
N SER A 300 -3.02 -11.53 -14.44
CA SER A 300 -2.94 -12.94 -14.04
C SER A 300 -1.82 -13.23 -13.04
N LEU A 301 -1.11 -12.18 -12.62
CA LEU A 301 -0.01 -12.35 -11.68
C LEU A 301 -0.50 -12.76 -10.29
N LYS A 302 -1.75 -12.45 -10.00
CA LYS A 302 -2.36 -12.79 -8.72
C LYS A 302 -2.42 -14.29 -8.52
N THR A 303 -2.97 -15.00 -9.51
CA THR A 303 -3.10 -16.45 -9.45
C THR A 303 -1.73 -17.12 -9.46
N LEU A 304 -0.80 -16.50 -10.19
CA LEU A 304 0.53 -17.05 -10.37
C LEU A 304 1.34 -17.08 -9.07
N ARG A 305 1.35 -15.95 -8.37
CA ARG A 305 2.14 -15.82 -7.14
C ARG A 305 1.56 -16.64 -5.99
N ASN A 306 0.26 -16.91 -6.04
CA ASN A 306 -0.40 -17.66 -4.98
C ASN A 306 -0.17 -19.17 -5.06
N SER A 307 0.54 -19.60 -6.11
CA SER A 307 0.94 -20.99 -6.22
C SER A 307 2.42 -21.12 -5.88
N ASP A 308 2.87 -22.35 -5.65
CA ASP A 308 4.25 -22.58 -5.24
C ASP A 308 5.20 -22.74 -6.42
N LEU A 309 4.96 -21.97 -7.48
CA LEU A 309 5.77 -22.05 -8.69
C LEU A 309 7.08 -21.28 -8.58
N LYS A 310 7.19 -20.44 -7.55
CA LYS A 310 8.37 -19.59 -7.35
C LYS A 310 8.84 -18.88 -8.62
N PRO A 311 7.95 -18.08 -9.24
CA PRO A 311 8.27 -17.48 -10.54
C PRO A 311 9.23 -16.30 -10.43
N TYR A 312 9.92 -16.01 -11.53
CA TYR A 312 10.80 -14.85 -11.61
C TYR A 312 10.23 -13.93 -12.68
N ILE A 313 9.55 -12.87 -12.25
CA ILE A 313 8.81 -12.01 -13.16
C ILE A 313 9.65 -10.84 -13.66
N ILE A 314 9.82 -10.77 -14.97
CA ILE A 314 10.58 -9.69 -15.58
C ILE A 314 9.68 -8.76 -16.39
N PHE A 315 9.69 -7.48 -16.01
CA PHE A 315 8.88 -6.46 -16.66
C PHE A 315 9.57 -5.98 -17.93
N ILE A 316 8.88 -6.08 -19.06
CA ILE A 316 9.44 -5.60 -20.33
C ILE A 316 8.77 -4.29 -20.73
N ALA A 317 9.57 -3.24 -20.79
CA ALA A 317 9.06 -1.87 -20.98
C ALA A 317 9.64 -1.19 -22.21
N PRO A 318 8.89 -0.24 -22.79
CA PRO A 318 9.39 0.62 -23.86
C PRO A 318 10.13 1.81 -23.26
N PRO A 319 10.96 2.50 -24.04
CA PRO A 319 11.67 3.67 -23.53
C PRO A 319 10.76 4.85 -23.23
N SER A 320 11.35 6.02 -22.99
CA SER A 320 10.59 7.22 -22.71
C SER A 320 9.73 7.64 -23.90
N GLN A 321 8.81 8.58 -23.67
CA GLN A 321 7.92 9.05 -24.72
C GLN A 321 8.69 9.68 -25.87
N GLU A 322 9.72 10.46 -25.52
CA GLU A 322 10.55 11.13 -26.51
C GLU A 322 11.41 10.14 -27.28
N ARG A 323 11.92 9.13 -26.59
CA ARG A 323 12.77 8.12 -27.22
C ARG A 323 11.94 7.18 -28.07
N LEU A 324 10.67 7.03 -27.72
CA LEU A 324 9.73 6.25 -28.52
C LEU A 324 9.43 6.97 -29.83
N ARG A 325 9.42 8.29 -29.78
CA ARG A 325 9.16 9.10 -30.97
C ARG A 325 10.33 9.07 -31.94
N ALA A 326 11.53 8.89 -31.39
CA ALA A 326 12.75 8.81 -32.21
C ALA A 326 12.77 7.52 -33.02
N LEU A 327 12.38 6.42 -32.37
CA LEU A 327 12.33 5.12 -33.02
C LEU A 327 11.16 5.03 -33.99
N LEU A 328 10.17 5.89 -33.80
CA LEU A 328 9.00 5.94 -34.68
C LEU A 328 8.87 7.29 -35.36
N GLU A 339 -0.48 3.33 -35.01
CA GLU A 339 0.81 3.99 -35.01
C GLU A 339 0.90 5.02 -33.87
N LEU A 340 0.16 6.11 -34.02
CA LEU A 340 0.15 7.16 -33.00
C LEU A 340 -0.71 6.74 -31.81
N ARG A 341 -1.69 5.89 -32.07
CA ARG A 341 -2.59 5.38 -31.05
C ARG A 341 -1.91 4.32 -30.20
N GLU A 342 -0.75 3.87 -30.67
CA GLU A 342 0.01 2.79 -30.03
C GLU A 342 0.89 3.36 -28.92
N ILE A 343 1.58 4.47 -29.21
CA ILE A 343 2.44 5.14 -28.25
C ILE A 343 1.65 5.65 -27.05
N ILE A 344 0.43 6.12 -27.33
CA ILE A 344 -0.46 6.59 -26.28
C ILE A 344 -0.84 5.45 -25.35
N GLU A 345 -1.04 4.26 -25.91
CA GLU A 345 -1.46 3.09 -25.14
C GLU A 345 -0.35 2.51 -24.27
N LYS A 346 0.88 2.44 -24.80
CA LYS A 346 2.03 1.93 -24.07
C LYS A 346 2.33 2.77 -22.83
N THR A 347 2.56 4.05 -23.07
CA THR A 347 2.96 4.98 -22.02
C THR A 347 1.88 5.11 -20.96
N ARG A 348 0.63 4.89 -21.35
CA ARG A 348 -0.48 4.93 -20.41
C ARG A 348 -0.44 3.72 -19.48
N GLU A 349 -0.03 2.58 -20.03
CA GLU A 349 0.13 1.36 -19.24
C GLU A 349 1.35 1.45 -18.33
N MET A 350 2.27 2.34 -18.68
CA MET A 350 3.51 2.47 -17.93
C MET A 350 3.33 3.26 -16.64
N GLU A 351 2.32 4.13 -16.62
CA GLU A 351 1.99 4.90 -15.43
C GLU A 351 1.35 3.99 -14.38
N GLN A 352 0.90 2.82 -14.81
CA GLN A 352 0.20 1.87 -13.94
C GLN A 352 1.09 0.74 -13.46
N ASN A 353 2.40 0.85 -13.69
CA ASN A 353 3.33 -0.20 -13.32
C ASN A 353 3.74 -0.16 -11.84
N ASN A 354 3.05 0.68 -11.07
CA ASN A 354 3.42 0.95 -9.68
C ASN A 354 3.21 -0.19 -8.69
N GLY A 355 2.56 -1.27 -9.12
CA GLY A 355 2.35 -2.42 -8.27
C GLY A 355 3.66 -3.09 -7.88
N HIS A 356 4.57 -3.16 -8.85
CA HIS A 356 5.92 -3.68 -8.66
C HIS A 356 5.97 -5.08 -8.04
N TYR A 357 5.28 -6.02 -8.67
CA TYR A 357 5.34 -7.43 -8.27
C TYR A 357 6.51 -8.11 -8.97
N PHE A 358 7.00 -7.48 -10.02
CA PHE A 358 8.11 -8.02 -10.80
C PHE A 358 9.45 -7.91 -10.07
N ASP A 359 10.43 -8.68 -10.54
CA ASP A 359 11.76 -8.69 -9.92
C ASP A 359 12.69 -7.67 -10.55
N THR A 360 12.58 -7.49 -11.86
CA THR A 360 13.45 -6.58 -12.59
C THR A 360 12.74 -6.09 -13.84
N ALA A 361 13.03 -4.85 -14.25
CA ALA A 361 12.48 -4.30 -15.47
C ALA A 361 13.55 -4.22 -16.55
N ILE A 362 13.14 -4.43 -17.81
CA ILE A 362 14.05 -4.30 -18.94
C ILE A 362 13.50 -3.28 -19.93
N VAL A 363 14.23 -2.19 -20.11
CA VAL A 363 13.81 -1.16 -21.06
C VAL A 363 14.28 -1.53 -22.47
N ASN A 364 13.37 -2.10 -23.25
CA ASN A 364 13.68 -2.56 -24.60
C ASN A 364 13.74 -1.43 -25.62
N SER A 365 14.95 -1.05 -25.99
CA SER A 365 15.16 -0.10 -27.06
C SER A 365 15.63 -0.88 -28.29
N ASP A 366 16.68 -1.67 -28.08
CA ASP A 366 17.19 -2.57 -29.10
C ASP A 366 16.97 -4.00 -28.64
N LEU A 367 16.41 -4.84 -29.51
CA LEU A 367 16.14 -6.23 -29.17
C LEU A 367 17.40 -6.96 -28.75
N ASP A 368 18.48 -6.75 -29.50
CA ASP A 368 19.76 -7.37 -29.20
C ASP A 368 20.30 -6.94 -27.84
N LYS A 369 20.12 -5.66 -27.51
CA LYS A 369 20.55 -5.14 -26.22
C LYS A 369 19.64 -5.64 -25.11
N ALA A 370 18.35 -5.77 -25.41
CA ALA A 370 17.38 -6.24 -24.45
C ALA A 370 17.52 -7.75 -24.22
N TYR A 371 17.81 -8.48 -25.29
CA TYR A 371 17.95 -9.92 -25.22
C TYR A 371 19.14 -10.35 -24.36
N GLN A 372 20.28 -9.69 -24.56
CA GLN A 372 21.49 -10.01 -23.81
C GLN A 372 21.30 -9.71 -22.33
N GLU A 373 20.62 -8.61 -22.03
CA GLU A 373 20.32 -8.27 -20.65
C GLU A 373 19.33 -9.28 -20.07
N LEU A 374 18.37 -9.70 -20.88
CA LEU A 374 17.38 -10.69 -20.47
C LEU A 374 18.04 -12.03 -20.17
N LEU A 375 18.92 -12.47 -21.07
CA LEU A 375 19.66 -13.71 -20.89
C LEU A 375 20.52 -13.65 -19.64
N ARG A 376 21.22 -12.52 -19.48
CA ARG A 376 22.11 -12.33 -18.34
C ARG A 376 21.35 -12.45 -17.02
N LEU A 377 20.13 -11.94 -17.00
CA LEU A 377 19.28 -12.01 -15.82
C LEU A 377 18.85 -13.45 -15.55
N ILE A 378 18.46 -14.15 -16.60
CA ILE A 378 18.01 -15.53 -16.48
C ILE A 378 19.14 -16.45 -16.07
N ASN A 379 20.31 -16.25 -16.67
CA ASN A 379 21.50 -17.04 -16.34
C ASN A 379 21.93 -16.85 -14.89
N LYS A 380 21.82 -15.63 -14.39
CA LYS A 380 22.32 -15.28 -13.07
C LYS A 380 21.59 -16.03 -11.95
N LEU A 381 20.43 -16.58 -12.27
CA LEU A 381 19.65 -17.34 -11.30
C LEU A 381 20.35 -18.65 -10.89
N ASP A 382 21.26 -19.11 -11.71
CA ASP A 382 21.97 -20.36 -11.43
C ASP A 382 22.99 -20.20 -10.30
N THR A 383 23.71 -19.07 -10.31
CA THR A 383 24.80 -18.84 -9.37
C THR A 383 24.42 -17.96 -8.18
N GLU A 384 23.49 -17.04 -8.42
CA GLU A 384 23.17 -16.01 -7.44
C GLU A 384 21.74 -16.11 -6.92
N PRO A 385 21.59 -16.28 -5.59
CA PRO A 385 20.28 -16.41 -4.92
C PRO A 385 19.47 -15.12 -4.99
N GLN A 386 18.15 -15.24 -4.88
CA GLN A 386 17.27 -14.09 -5.05
C GLN A 386 16.30 -13.88 -3.89
N TRP A 387 15.81 -12.65 -3.76
CA TRP A 387 14.85 -12.31 -2.72
C TRP A 387 13.42 -12.61 -3.17
N VAL A 388 12.74 -13.43 -2.39
CA VAL A 388 11.34 -13.78 -2.64
C VAL A 388 10.56 -13.45 -1.38
N PRO A 389 9.23 -13.28 -1.50
CA PRO A 389 8.42 -13.09 -0.29
C PRO A 389 8.60 -14.26 0.66
N SER A 390 8.86 -13.96 1.93
CA SER A 390 9.13 -14.98 2.93
C SER A 390 8.07 -16.08 2.98
N THR A 391 6.84 -15.73 2.61
CA THR A 391 5.73 -16.67 2.57
C THR A 391 5.95 -17.81 1.58
N TRP A 392 6.78 -17.58 0.56
CA TRP A 392 7.06 -18.61 -0.44
C TRP A 392 7.89 -19.76 0.14
N LEU A 393 8.69 -19.47 1.15
CA LEU A 393 9.59 -20.46 1.74
C LEU A 393 9.01 -21.07 3.01
N ARG A 394 8.09 -20.36 3.64
CA ARG A 394 7.48 -20.83 4.88
C ARG A 394 6.13 -21.48 4.63
N GLU B 21 31.07 18.27 37.33
CA GLU B 21 30.51 16.98 37.74
C GLU B 21 31.54 15.86 37.60
N THR B 22 31.07 14.62 37.60
CA THR B 22 31.94 13.47 37.40
C THR B 22 31.99 13.12 35.92
N VAL B 23 33.20 13.06 35.36
CA VAL B 23 33.38 12.89 33.93
C VAL B 23 34.00 11.55 33.55
N LYS B 24 33.79 11.15 32.30
CA LYS B 24 34.41 9.95 31.75
C LYS B 24 35.18 10.28 30.48
N ILE B 25 36.44 9.87 30.41
CA ILE B 25 37.27 10.11 29.24
C ILE B 25 37.39 8.87 28.37
N VAL B 26 36.95 8.98 27.12
CA VAL B 26 37.03 7.86 26.18
C VAL B 26 37.76 8.26 24.90
N ARG B 27 38.48 7.31 24.31
CA ARG B 27 39.24 7.58 23.10
C ARG B 27 38.74 6.76 21.92
N ILE B 28 38.22 7.45 20.90
CA ILE B 28 37.70 6.80 19.71
C ILE B 28 38.44 7.29 18.47
N GLU B 29 38.77 6.37 17.57
CA GLU B 29 39.43 6.73 16.33
C GLU B 29 38.44 7.27 15.31
N LYS B 30 38.84 8.32 14.60
CA LYS B 30 37.99 8.97 13.62
C LYS B 30 38.76 9.06 12.31
N ALA B 31 38.11 8.74 11.21
CA ALA B 31 38.75 8.81 9.90
C ALA B 31 38.34 10.06 9.14
N ARG B 32 39.23 10.53 8.27
CA ARG B 32 38.97 11.73 7.47
C ARG B 32 37.71 11.58 6.62
N ASP B 33 36.79 12.54 6.75
CA ASP B 33 35.57 12.57 5.95
C ASP B 33 34.66 11.36 6.14
N ILE B 34 34.89 10.60 7.21
CA ILE B 34 34.04 9.48 7.56
C ILE B 34 33.48 9.65 8.97
N PRO B 35 32.18 9.95 9.07
CA PRO B 35 31.47 10.17 10.34
C PRO B 35 31.65 9.02 11.32
N LEU B 36 31.64 9.37 12.61
CA LEU B 36 31.80 8.38 13.67
C LEU B 36 30.64 7.40 13.71
N GLY B 37 29.46 7.88 13.33
CA GLY B 37 28.27 7.06 13.40
C GLY B 37 27.50 7.36 14.68
N ALA B 38 27.51 8.63 15.08
CA ALA B 38 26.76 9.08 16.24
C ALA B 38 26.08 10.39 15.89
N THR B 39 24.94 10.64 16.51
CA THR B 39 24.24 11.90 16.30
C THR B 39 24.15 12.70 17.59
N VAL B 40 24.07 14.02 17.46
CA VAL B 40 23.97 14.88 18.63
C VAL B 40 22.82 15.86 18.51
N ARG B 41 22.14 16.09 19.63
CA ARG B 41 21.05 17.05 19.69
C ARG B 41 21.33 18.07 20.79
N ASN B 42 20.63 19.19 20.76
CA ASN B 42 20.78 20.20 21.80
C ASN B 42 19.69 20.09 22.87
N GLU B 43 20.10 19.72 24.08
CA GLU B 43 19.21 19.75 25.23
C GLU B 43 19.64 20.92 26.09
N MET B 44 18.81 21.96 26.12
CA MET B 44 19.17 23.24 26.72
C MET B 44 20.41 23.79 26.00
N ASP B 45 21.48 24.05 26.75
CA ASP B 45 22.72 24.54 26.16
C ASP B 45 23.66 23.38 25.83
N SER B 46 23.39 22.22 26.41
CA SER B 46 24.27 21.06 26.29
C SER B 46 24.20 20.39 24.92
N VAL B 47 25.16 19.50 24.68
CA VAL B 47 25.18 18.68 23.48
C VAL B 47 25.08 17.21 23.89
N ILE B 48 24.01 16.54 23.47
CA ILE B 48 23.74 15.18 23.92
C ILE B 48 23.81 14.17 22.77
N ILE B 49 24.51 13.07 23.02
CA ILE B 49 24.51 11.95 22.07
C ILE B 49 23.12 11.34 22.02
N SER B 50 22.46 11.48 20.88
CA SER B 50 21.06 11.08 20.77
C SER B 50 20.84 9.72 20.10
N ARG B 51 21.84 9.24 19.36
CA ARG B 51 21.68 8.02 18.57
C ARG B 51 23.01 7.43 18.10
N ILE B 52 23.17 6.12 18.27
CA ILE B 52 24.35 5.44 17.74
C ILE B 52 24.01 4.70 16.44
N VAL B 53 24.77 4.97 15.39
CA VAL B 53 24.55 4.35 14.10
C VAL B 53 25.38 3.08 13.95
N LYS B 54 24.76 2.01 13.51
CA LYS B 54 25.44 0.75 13.25
C LYS B 54 26.43 0.87 12.11
N GLY B 55 27.61 0.27 12.27
CA GLY B 55 28.61 0.25 11.23
C GLY B 55 29.66 1.35 11.36
N GLY B 56 29.52 2.17 12.40
CA GLY B 56 30.44 3.28 12.61
C GLY B 56 31.45 3.01 13.70
N ALA B 57 32.54 3.78 13.67
CA ALA B 57 33.60 3.66 14.67
C ALA B 57 33.05 3.84 16.08
N ALA B 58 32.02 4.66 16.21
CA ALA B 58 31.39 4.94 17.49
C ALA B 58 30.70 3.70 18.04
N GLU B 59 30.04 2.94 17.16
CA GLU B 59 29.31 1.74 17.57
C GLU B 59 30.26 0.60 17.89
N LYS B 60 31.32 0.45 17.09
CA LYS B 60 32.27 -0.63 17.29
C LYS B 60 33.04 -0.50 18.60
N SER B 61 33.38 0.73 18.96
CA SER B 61 34.10 0.98 20.20
C SER B 61 33.20 0.79 21.41
N GLY B 62 31.92 1.11 21.24
CA GLY B 62 30.96 0.99 22.33
C GLY B 62 31.29 1.93 23.47
N LEU B 63 31.96 3.03 23.16
CA LEU B 63 32.37 4.00 24.17
C LEU B 63 31.41 5.18 24.24
N LEU B 64 30.62 5.36 23.17
CA LEU B 64 29.58 6.38 23.15
C LEU B 64 28.21 5.75 23.32
N HIS B 65 27.38 6.35 24.17
CA HIS B 65 26.04 5.83 24.41
C HIS B 65 25.00 6.95 24.39
N GLU B 66 23.77 6.58 24.06
CA GLU B 66 22.68 7.55 24.00
C GLU B 66 22.45 8.15 25.38
N GLY B 67 22.47 9.48 25.45
CA GLY B 67 22.29 10.18 26.72
C GLY B 67 23.57 10.81 27.22
N ASP B 68 24.71 10.35 26.70
CA ASP B 68 26.00 10.91 27.08
C ASP B 68 26.08 12.37 26.68
N GLU B 69 26.50 13.22 27.61
CA GLU B 69 26.69 14.64 27.30
C GLU B 69 28.14 14.89 26.92
N VAL B 70 28.33 15.51 25.76
CA VAL B 70 29.68 15.81 25.28
C VAL B 70 30.14 17.16 25.80
N LEU B 71 31.13 17.13 26.69
CA LEU B 71 31.69 18.35 27.26
C LEU B 71 32.84 18.88 26.41
N GLU B 72 33.81 18.02 26.12
CA GLU B 72 34.99 18.41 25.35
C GLU B 72 35.42 17.35 24.36
N ILE B 73 35.98 17.79 23.25
CA ILE B 73 36.62 16.90 22.29
C ILE B 73 37.99 17.48 21.90
N ASN B 74 39.05 16.74 22.22
CA ASN B 74 40.41 17.15 21.89
C ASN B 74 40.78 18.58 22.30
N GLY B 75 40.34 18.98 23.49
CA GLY B 75 40.68 20.28 24.02
C GLY B 75 39.68 21.37 23.64
N ILE B 76 38.71 21.04 22.81
CA ILE B 76 37.73 22.01 22.36
C ILE B 76 36.49 21.99 23.25
N GLU B 77 36.08 23.17 23.71
CA GLU B 77 34.86 23.29 24.50
C GLU B 77 33.65 23.02 23.60
N ILE B 78 32.98 21.91 23.84
CA ILE B 78 31.80 21.54 23.06
C ILE B 78 30.53 22.06 23.70
N ARG B 79 30.46 21.98 25.04
CA ARG B 79 29.30 22.45 25.79
C ARG B 79 28.98 23.91 25.46
N GLY B 80 27.72 24.18 25.12
CA GLY B 80 27.30 25.52 24.76
C GLY B 80 27.22 25.74 23.26
N LYS B 81 27.83 24.84 22.48
CA LYS B 81 27.81 24.95 21.03
C LYS B 81 26.51 24.41 20.44
N ASP B 82 26.03 25.06 19.39
CA ASP B 82 24.90 24.56 18.63
C ASP B 82 25.39 23.29 17.91
N VAL B 83 24.49 22.32 17.73
CA VAL B 83 24.86 21.06 17.11
C VAL B 83 25.34 21.24 15.68
N ASN B 84 24.91 22.32 15.04
CA ASN B 84 25.36 22.66 13.70
C ASN B 84 26.85 22.94 13.68
N GLU B 85 27.35 23.56 14.74
CA GLU B 85 28.78 23.84 14.87
C GLU B 85 29.56 22.57 15.17
N VAL B 86 29.01 21.73 16.04
CA VAL B 86 29.61 20.44 16.35
C VAL B 86 29.71 19.60 15.08
N PHE B 87 28.67 19.69 14.25
CA PHE B 87 28.64 18.97 12.99
C PHE B 87 29.76 19.43 12.08
N ASP B 88 29.84 20.74 11.86
CA ASP B 88 30.87 21.33 11.02
C ASP B 88 32.25 21.05 11.57
N LEU B 89 32.36 21.05 12.89
CA LEU B 89 33.65 20.86 13.55
C LEU B 89 34.20 19.46 13.30
N LEU B 90 33.46 18.43 13.73
CA LEU B 90 33.92 17.06 13.62
C LEU B 90 34.05 16.56 12.20
N SER B 91 33.41 17.24 11.26
CA SER B 91 33.54 16.88 9.85
C SER B 91 34.97 17.14 9.41
N ASP B 92 35.60 18.14 10.01
CA ASP B 92 36.96 18.52 9.68
C ASP B 92 37.97 17.85 10.61
N MET B 93 37.51 16.89 11.41
CA MET B 93 38.38 16.23 12.37
C MET B 93 38.72 14.79 11.99
N HIS B 94 39.88 14.33 12.46
CA HIS B 94 40.34 12.97 12.21
C HIS B 94 41.36 12.56 13.26
N GLY B 95 41.70 11.27 13.29
CA GLY B 95 42.65 10.76 14.25
C GLY B 95 42.00 10.40 15.56
N THR B 96 42.80 10.24 16.60
CA THR B 96 42.28 9.88 17.91
C THR B 96 41.49 11.03 18.52
N LEU B 97 40.22 10.78 18.83
CA LEU B 97 39.37 11.81 19.44
C LEU B 97 39.12 11.53 20.90
N THR B 98 39.68 12.36 21.77
CA THR B 98 39.45 12.24 23.20
C THR B 98 38.17 12.98 23.61
N PHE B 99 37.20 12.23 24.10
CA PHE B 99 35.94 12.80 24.53
C PHE B 99 35.91 12.99 26.04
N VAL B 100 35.35 14.10 26.49
CA VAL B 100 35.03 14.30 27.90
C VAL B 100 33.52 14.24 28.05
N LEU B 101 33.03 13.17 28.68
CA LEU B 101 31.60 12.90 28.71
C LEU B 101 31.00 12.89 30.11
N ILE B 102 29.74 13.29 30.20
CA ILE B 102 28.92 13.04 31.37
C ILE B 102 27.99 11.88 31.01
N PRO B 103 28.38 10.66 31.39
CA PRO B 103 27.64 9.46 31.01
C PRO B 103 26.22 9.46 31.55
N SER B 104 25.32 8.78 30.86
CA SER B 104 23.91 8.73 31.25
C SER B 104 23.72 7.95 32.55
N LYS B 113 22.80 -8.41 20.46
CA LYS B 113 22.39 -9.45 19.52
C LYS B 113 22.10 -8.89 18.14
N GLU B 114 22.92 -9.28 17.17
CA GLU B 114 22.76 -8.82 15.80
C GLU B 114 21.56 -9.48 15.10
N THR B 115 20.48 -8.72 14.95
CA THR B 115 19.29 -9.22 14.29
C THR B 115 19.01 -8.45 12.99
N VAL B 116 18.92 -9.19 11.89
CA VAL B 116 18.71 -8.58 10.59
C VAL B 116 17.37 -8.97 9.99
N ILE B 117 16.68 -7.98 9.43
CA ILE B 117 15.38 -8.21 8.80
C ILE B 117 15.40 -7.67 7.37
N HIS B 118 15.04 -8.52 6.42
CA HIS B 118 15.08 -8.17 5.01
C HIS B 118 13.70 -7.87 4.47
N VAL B 119 13.48 -6.65 4.00
CA VAL B 119 12.17 -6.24 3.51
C VAL B 119 12.23 -5.67 2.09
N LYS B 120 11.09 -5.71 1.42
CA LYS B 120 10.95 -5.09 0.11
C LYS B 120 10.02 -3.90 0.22
N ALA B 121 10.51 -2.73 -0.16
CA ALA B 121 9.75 -1.50 -0.06
C ALA B 121 8.70 -1.41 -1.17
N HIS B 122 7.48 -1.07 -0.80
CA HIS B 122 6.40 -0.90 -1.77
C HIS B 122 5.96 0.56 -1.86
N PHE B 123 6.88 1.47 -1.56
CA PHE B 123 6.61 2.90 -1.66
C PHE B 123 7.92 3.66 -1.84
N ASP B 124 7.84 4.84 -2.46
CA ASP B 124 9.03 5.68 -2.65
C ASP B 124 9.26 6.55 -1.43
N TYR B 125 10.52 6.73 -1.06
CA TYR B 125 10.87 7.57 0.08
C TYR B 125 12.07 8.46 -0.20
N ASP B 126 11.86 9.77 -0.07
CA ASP B 126 12.94 10.73 -0.23
C ASP B 126 13.09 11.54 1.04
N PRO B 127 14.18 11.31 1.79
CA PRO B 127 14.38 11.91 3.11
C PRO B 127 14.56 13.42 3.06
N SER B 128 14.70 13.98 1.86
CA SER B 128 14.85 15.43 1.71
C SER B 128 13.50 16.13 1.69
N ASP B 129 12.44 15.36 1.43
CA ASP B 129 11.08 15.89 1.43
C ASP B 129 10.39 15.61 2.76
N ASP B 130 11.11 14.97 3.67
CA ASP B 130 10.55 14.56 4.96
C ASP B 130 10.87 15.58 6.05
N PRO B 131 9.83 16.20 6.62
CA PRO B 131 10.00 17.16 7.72
C PRO B 131 10.24 16.46 9.05
N TYR B 132 9.81 15.21 9.15
CA TYR B 132 9.84 14.49 10.42
C TYR B 132 11.13 13.70 10.66
N VAL B 133 11.96 13.56 9.63
CA VAL B 133 13.21 12.81 9.75
C VAL B 133 14.15 13.46 10.78
N PRO B 134 14.61 12.67 11.76
CA PRO B 134 15.40 13.17 12.88
C PRO B 134 16.76 13.70 12.45
N CYS B 135 17.35 13.07 11.45
CA CYS B 135 18.67 13.47 10.96
C CYS B 135 18.72 13.29 9.44
N ARG B 136 18.61 14.40 8.72
CA ARG B 136 18.52 14.38 7.27
C ARG B 136 19.74 13.77 6.60
N GLU B 137 20.93 14.05 7.14
CA GLU B 137 22.17 13.51 6.58
C GLU B 137 22.21 12.00 6.70
N LEU B 138 21.38 11.47 7.60
CA LEU B 138 21.39 10.05 7.92
C LEU B 138 20.25 9.33 7.18
N GLY B 139 19.36 10.10 6.56
CA GLY B 139 18.22 9.53 5.88
C GLY B 139 18.60 8.69 4.68
N LEU B 140 17.90 7.56 4.50
CA LEU B 140 18.19 6.64 3.40
C LEU B 140 17.05 6.58 2.39
N SER B 141 17.30 7.12 1.20
CA SER B 141 16.30 7.11 0.14
C SER B 141 16.14 5.71 -0.46
N PHE B 142 14.93 5.41 -0.92
CA PHE B 142 14.67 4.16 -1.63
C PHE B 142 13.43 4.26 -2.51
N GLN B 143 13.35 3.41 -3.52
CA GLN B 143 12.23 3.41 -4.44
C GLN B 143 11.48 2.08 -4.36
N LYS B 144 10.28 2.04 -4.94
CA LYS B 144 9.45 0.84 -4.90
C LYS B 144 10.21 -0.36 -5.47
N GLY B 145 10.17 -1.47 -4.76
CA GLY B 145 10.81 -2.70 -5.22
C GLY B 145 12.20 -2.91 -4.66
N ASP B 146 12.78 -1.86 -4.07
CA ASP B 146 14.10 -1.98 -3.46
C ASP B 146 14.08 -2.93 -2.27
N ILE B 147 15.19 -3.64 -2.07
CA ILE B 147 15.33 -4.52 -0.92
C ILE B 147 16.10 -3.80 0.17
N LEU B 148 15.55 -3.77 1.37
CA LEU B 148 16.21 -3.11 2.50
C LEU B 148 16.64 -4.11 3.54
N HIS B 149 17.87 -3.97 4.01
CA HIS B 149 18.38 -4.81 5.10
C HIS B 149 18.27 -4.06 6.42
N VAL B 150 17.13 -4.22 7.10
CA VAL B 150 16.86 -3.53 8.34
C VAL B 150 17.63 -4.17 9.49
N ILE B 151 18.69 -3.49 9.92
CA ILE B 151 19.63 -4.04 10.88
C ILE B 151 19.31 -3.65 12.33
N SER B 152 18.48 -2.63 12.49
CA SER B 152 18.07 -2.18 13.83
C SER B 152 16.70 -1.54 13.84
N GLN B 153 15.84 -2.01 14.74
CA GLN B 153 14.51 -1.42 14.92
C GLN B 153 14.33 -0.87 16.33
N GLU B 154 15.45 -0.48 16.96
CA GLU B 154 15.44 0.00 18.33
C GLU B 154 14.53 1.23 18.48
N ASP B 155 14.49 2.05 17.45
CA ASP B 155 13.58 3.19 17.36
C ASP B 155 12.44 2.79 16.43
N PRO B 156 11.28 2.39 17.00
CA PRO B 156 10.15 1.88 16.20
C PRO B 156 9.70 2.84 15.09
N ASN B 157 10.03 4.12 15.23
CA ASN B 157 9.63 5.10 14.23
C ASN B 157 10.70 5.38 13.18
N TRP B 158 11.95 5.01 13.48
CA TRP B 158 13.05 5.17 12.53
C TRP B 158 14.04 4.01 12.57
N TRP B 159 14.01 3.17 11.55
CA TRP B 159 14.85 1.99 11.51
C TRP B 159 16.18 2.27 10.84
N GLN B 160 17.23 1.58 11.29
CA GLN B 160 18.53 1.69 10.64
C GLN B 160 18.68 0.54 9.65
N ALA B 161 19.05 0.86 8.41
CA ALA B 161 19.07 -0.14 7.36
C ALA B 161 20.03 0.20 6.22
N TYR B 162 20.43 -0.82 5.49
CA TYR B 162 21.20 -0.65 4.27
C TYR B 162 20.31 -0.99 3.08
N ARG B 163 20.50 -0.28 1.97
CA ARG B 163 19.73 -0.55 0.77
C ARG B 163 20.58 -1.39 -0.19
N GLU B 164 20.04 -2.53 -0.61
CA GLU B 164 20.76 -3.39 -1.55
C GLU B 164 20.91 -2.70 -2.90
N GLY B 165 22.15 -2.65 -3.38
CA GLY B 165 22.44 -2.02 -4.65
C GLY B 165 23.00 -0.63 -4.47
N ASP B 166 23.27 -0.27 -3.22
CA ASP B 166 23.88 1.02 -2.92
C ASP B 166 25.33 0.99 -3.37
N GLU B 167 25.64 1.75 -4.42
CA GLU B 167 26.95 1.68 -5.05
C GLU B 167 28.09 2.29 -4.22
N ASP B 168 27.79 3.35 -3.48
CA ASP B 168 28.81 3.96 -2.63
C ASP B 168 29.11 3.09 -1.41
N ASN B 169 30.37 3.07 -0.99
CA ASN B 169 30.71 2.45 0.28
C ASN B 169 29.98 3.21 1.37
N GLN B 170 28.97 2.57 1.97
CA GLN B 170 27.99 3.27 2.79
C GLN B 170 28.59 4.30 3.78
N PRO B 171 29.38 3.86 4.77
CA PRO B 171 29.58 2.54 5.39
C PRO B 171 28.59 2.44 6.54
N LEU B 172 27.88 3.54 6.76
CA LEU B 172 26.89 3.66 7.82
C LEU B 172 25.51 3.24 7.34
N ALA B 173 24.68 2.78 8.28
CA ALA B 173 23.30 2.49 7.99
C ALA B 173 22.55 3.80 7.79
N GLY B 174 21.37 3.71 7.17
CA GLY B 174 20.54 4.88 6.97
C GLY B 174 19.26 4.78 7.77
N LEU B 175 18.57 5.91 7.95
CA LEU B 175 17.29 5.91 8.63
C LEU B 175 16.15 5.78 7.63
N VAL B 176 15.26 4.81 7.86
CA VAL B 176 14.06 4.66 7.05
C VAL B 176 12.84 4.71 7.97
N PRO B 177 11.72 5.22 7.47
CA PRO B 177 10.49 5.30 8.27
C PRO B 177 10.06 3.93 8.74
N GLY B 178 9.63 3.83 9.99
CA GLY B 178 9.14 2.57 10.52
C GLY B 178 7.66 2.41 10.23
N LYS B 179 7.25 2.87 9.05
CA LYS B 179 5.87 2.73 8.61
C LYS B 179 5.53 1.27 8.29
N GLU B 180 5.01 0.56 9.28
CA GLU B 180 4.42 -0.74 9.04
C GLU B 180 2.94 -0.52 8.77
N GLU B 181 2.54 -0.56 7.50
CA GLU B 181 1.24 -0.06 7.08
C GLU B 181 0.69 -0.75 5.82
N ILE B 182 -0.64 -0.85 5.74
CA ILE B 182 -1.32 -1.40 4.57
C ILE B 182 -1.49 -0.31 3.51
N LEU B 183 -1.18 -0.64 2.26
CA LEU B 183 -1.26 0.33 1.17
C LEU B 183 -2.54 0.22 0.33
N THR B 184 -3.15 -0.95 0.34
CA THR B 184 -4.34 -1.18 -0.49
C THR B 184 -5.65 -1.11 0.29
N TYR B 185 -6.18 -2.27 0.68
CA TYR B 185 -7.45 -2.32 1.40
C TYR B 185 -7.31 -2.89 2.81
N GLU B 186 -7.79 -2.14 3.79
CA GLU B 186 -7.82 -2.61 5.17
C GLU B 186 -9.25 -2.91 5.60
N GLU B 187 -9.49 -4.14 6.04
CA GLU B 187 -10.84 -4.58 6.41
C GLU B 187 -11.35 -3.87 7.67
N MET B 188 -12.55 -3.31 7.58
CA MET B 188 -13.15 -2.55 8.67
C MET B 188 -14.41 -3.22 9.22
N SER B 189 -14.71 -2.94 10.47
CA SER B 189 -15.93 -3.43 11.10
C SER B 189 -16.60 -2.31 11.88
N LEU B 190 -17.92 -2.38 11.98
CA LEU B 190 -18.67 -1.38 12.75
C LEU B 190 -18.45 -1.59 14.25
N TYR B 191 -18.27 -0.48 14.96
CA TYR B 191 -18.03 -0.52 16.40
C TYR B 191 -18.86 0.53 17.14
N HIS B 192 -19.75 0.08 18.01
CA HIS B 192 -20.54 0.97 18.84
C HIS B 192 -19.75 1.33 20.08
N GLN B 193 -19.62 2.63 20.37
CA GLN B 193 -18.93 3.10 21.56
C GLN B 193 -19.76 2.81 22.81
N PRO B 194 -19.30 1.88 23.66
CA PRO B 194 -20.05 1.49 24.84
C PRO B 194 -20.30 2.67 25.77
N ALA B 195 -21.32 2.57 26.61
CA ALA B 195 -21.66 3.66 27.53
C ALA B 195 -20.55 3.89 28.54
N ASN B 196 -19.94 2.81 29.01
CA ASN B 196 -18.93 2.88 30.05
C ASN B 196 -17.50 2.88 29.51
N ARG B 197 -17.36 2.76 28.20
CA ARG B 197 -16.04 2.73 27.58
C ARG B 197 -15.94 3.75 26.44
N LYS B 198 -15.84 5.02 26.80
CA LYS B 198 -15.73 6.09 25.81
C LYS B 198 -14.35 6.08 25.16
N ARG B 199 -14.33 6.16 23.83
CA ARG B 199 -13.08 6.14 23.09
C ARG B 199 -12.27 7.41 23.33
N PRO B 200 -10.96 7.26 23.54
CA PRO B 200 -10.07 8.40 23.75
C PRO B 200 -10.05 9.31 22.52
N ILE B 201 -10.37 10.59 22.70
CA ILE B 201 -10.31 11.53 21.60
C ILE B 201 -8.90 12.10 21.46
N ILE B 202 -8.31 11.93 20.29
CA ILE B 202 -6.92 12.33 20.08
C ILE B 202 -6.75 13.29 18.90
N LEU B 203 -6.14 14.44 19.17
CA LEU B 203 -5.96 15.47 18.16
C LEU B 203 -4.55 15.45 17.59
N ILE B 204 -4.46 15.50 16.27
CA ILE B 204 -3.16 15.56 15.59
C ILE B 204 -3.14 16.68 14.58
N GLY B 205 -1.99 16.85 13.92
CA GLY B 205 -1.84 17.88 12.90
C GLY B 205 -0.69 18.82 13.19
N PRO B 206 -0.52 19.84 12.33
CA PRO B 206 0.52 20.86 12.48
C PRO B 206 0.46 21.59 13.82
N GLN B 207 1.51 22.35 14.11
CA GLN B 207 1.73 22.90 15.45
C GLN B 207 0.80 24.06 15.84
N ASN B 208 0.95 25.19 15.16
CA ASN B 208 0.26 26.42 15.57
C ASN B 208 -1.14 26.58 15.00
N CYS B 209 -1.86 25.47 14.82
CA CYS B 209 -3.19 25.51 14.24
C CYS B 209 -4.28 25.60 15.32
N GLY B 210 -3.91 26.12 16.48
CA GLY B 210 -4.85 26.27 17.57
C GLY B 210 -5.35 24.95 18.12
N GLN B 211 -4.55 23.91 17.98
CA GLN B 211 -4.91 22.58 18.47
C GLN B 211 -4.94 22.54 19.99
N ASN B 212 -3.92 23.13 20.62
CA ASN B 212 -3.85 23.19 22.08
C ASN B 212 -4.96 24.04 22.67
N GLU B 213 -5.43 25.01 21.89
CA GLU B 213 -6.51 25.90 22.33
C GLU B 213 -7.81 25.14 22.52
N LEU B 214 -8.10 24.23 21.59
CA LEU B 214 -9.33 23.44 21.64
C LEU B 214 -9.31 22.43 22.80
N ARG B 215 -8.12 22.01 23.20
CA ARG B 215 -7.97 21.08 24.32
C ARG B 215 -8.45 21.70 25.62
N GLN B 216 -7.87 22.86 25.96
CA GLN B 216 -8.23 23.57 27.18
C GLN B 216 -9.69 24.01 27.18
N ARG B 217 -10.24 24.22 25.99
CA ARG B 217 -11.62 24.66 25.86
C ARG B 217 -12.61 23.53 26.14
N LEU B 218 -12.21 22.30 25.82
CA LEU B 218 -13.05 21.14 26.06
C LEU B 218 -12.99 20.69 27.53
N MET B 219 -11.77 20.67 28.08
CA MET B 219 -11.55 20.21 29.46
C MET B 219 -12.24 21.09 30.49
N ASN B 220 -12.42 22.37 30.15
CA ASN B 220 -12.98 23.33 31.09
C ASN B 220 -14.48 23.57 30.90
N LYS B 221 -14.91 23.73 29.66
CA LYS B 221 -16.31 24.02 29.36
C LYS B 221 -17.20 22.82 29.70
N GLU B 222 -16.66 21.62 29.55
CA GLU B 222 -17.38 20.39 29.89
C GLU B 222 -16.50 19.49 30.76
N LYS B 223 -16.25 19.93 31.99
CA LYS B 223 -15.33 19.25 32.89
C LYS B 223 -15.81 17.88 33.35
N ASP B 224 -17.11 17.64 33.23
CA ASP B 224 -17.71 16.40 33.71
C ASP B 224 -17.44 15.23 32.76
N ARG B 225 -17.54 15.49 31.46
CA ARG B 225 -17.38 14.44 30.45
C ARG B 225 -15.92 14.13 30.15
N PHE B 226 -15.10 15.18 30.02
CA PHE B 226 -13.71 15.01 29.62
C PHE B 226 -12.73 15.00 30.80
N ALA B 227 -11.63 14.29 30.61
CA ALA B 227 -10.56 14.23 31.59
C ALA B 227 -9.23 14.04 30.86
N SER B 228 -8.13 14.02 31.61
CA SER B 228 -6.83 13.77 31.00
C SER B 228 -6.10 12.66 31.76
N ALA B 229 -5.43 11.80 31.02
CA ALA B 229 -4.65 10.72 31.61
C ALA B 229 -3.56 11.31 32.47
N VAL B 230 -3.25 10.64 33.58
CA VAL B 230 -2.19 11.10 34.48
C VAL B 230 -0.83 10.67 33.94
N PRO B 231 -0.05 11.65 33.45
CA PRO B 231 1.23 11.37 32.79
C PRO B 231 2.35 11.10 33.79
N HIS B 232 3.45 10.51 33.31
CA HIS B 232 4.60 10.27 34.16
C HIS B 232 5.60 11.41 34.01
N THR B 233 6.35 11.69 35.08
CA THR B 233 7.43 12.67 35.02
C THR B 233 8.57 12.23 35.93
N THR B 234 9.72 12.87 35.76
CA THR B 234 10.89 12.54 36.56
C THR B 234 11.15 13.60 37.63
N ARG B 235 10.82 14.85 37.32
CA ARG B 235 11.04 15.95 38.25
C ARG B 235 10.28 15.72 39.56
N SER B 236 10.91 16.07 40.67
CA SER B 236 10.33 15.83 41.99
C SER B 236 9.05 16.64 42.20
N ARG B 237 8.16 16.12 43.04
CA ARG B 237 6.87 16.76 43.27
C ARG B 237 7.03 18.14 43.90
N ARG B 238 6.17 19.08 43.52
CA ARG B 238 6.22 20.43 44.03
C ARG B 238 5.25 20.61 45.20
N ASP B 239 5.10 21.85 45.65
CA ASP B 239 4.26 22.13 46.81
C ASP B 239 2.78 21.89 46.52
N GLN B 240 2.19 22.73 45.68
CA GLN B 240 0.78 22.59 45.34
C GLN B 240 0.52 21.57 44.22
N GLU B 241 1.26 20.46 44.26
CA GLU B 241 1.03 19.36 43.33
C GLU B 241 0.74 18.07 44.09
N VAL B 242 -0.26 17.33 43.62
CA VAL B 242 -0.65 16.08 44.28
C VAL B 242 0.01 14.90 43.58
N ALA B 243 0.46 13.92 44.37
CA ALA B 243 1.18 12.77 43.84
C ALA B 243 0.26 11.80 43.10
N GLY B 244 -1.04 12.05 43.13
CA GLY B 244 -2.00 11.15 42.52
C GLY B 244 -2.56 11.64 41.19
N ARG B 245 -3.02 12.89 41.18
CA ARG B 245 -3.73 13.41 40.02
C ARG B 245 -2.85 14.15 39.02
N ASP B 246 -1.89 14.92 39.51
CA ASP B 246 -1.04 15.73 38.64
C ASP B 246 -0.08 14.89 37.79
N TYR B 247 0.75 14.08 38.44
CA TYR B 247 1.70 13.23 37.74
C TYR B 247 1.93 11.91 38.48
N HIS B 248 2.40 10.91 37.74
CA HIS B 248 2.97 9.72 38.35
C HIS B 248 4.46 9.97 38.55
N PHE B 249 4.81 10.52 39.70
CA PHE B 249 6.20 10.89 39.96
C PHE B 249 7.09 9.67 40.19
N VAL B 250 7.85 9.32 39.16
CA VAL B 250 8.75 8.18 39.24
C VAL B 250 10.18 8.61 38.98
N SER B 251 11.13 7.71 39.19
CA SER B 251 12.53 7.99 38.94
C SER B 251 12.80 7.98 37.44
N ARG B 252 13.94 8.54 37.05
CA ARG B 252 14.36 8.48 35.66
C ARG B 252 14.68 7.03 35.30
N GLN B 253 15.13 6.27 36.29
CA GLN B 253 15.43 4.86 36.12
C GLN B 253 14.17 4.08 35.78
N ALA B 254 13.08 4.43 36.44
CA ALA B 254 11.80 3.76 36.21
C ALA B 254 11.20 4.17 34.87
N PHE B 255 11.32 5.46 34.55
CA PHE B 255 10.80 5.99 33.29
C PHE B 255 11.45 5.30 32.09
N GLU B 256 12.76 5.09 32.16
CA GLU B 256 13.49 4.44 31.09
C GLU B 256 13.05 2.99 30.93
N ALA B 257 12.66 2.36 32.04
CA ALA B 257 12.27 0.96 32.04
C ALA B 257 11.00 0.73 31.23
N ASP B 258 9.99 1.56 31.46
CA ASP B 258 8.71 1.44 30.77
C ASP B 258 8.83 1.72 29.27
N ILE B 259 9.75 2.60 28.91
CA ILE B 259 9.98 2.95 27.52
C ILE B 259 10.42 1.72 26.71
N ALA B 260 11.32 0.94 27.29
CA ALA B 260 11.82 -0.27 26.66
C ALA B 260 10.71 -1.30 26.45
N ALA B 261 9.78 -1.36 27.40
CA ALA B 261 8.66 -2.29 27.34
C ALA B 261 7.54 -1.77 26.45
N GLY B 262 7.73 -0.56 25.93
CA GLY B 262 6.76 0.05 25.03
C GLY B 262 5.47 0.44 25.72
N LYS B 263 5.57 0.79 27.00
CA LYS B 263 4.41 1.12 27.81
C LYS B 263 3.97 2.58 27.64
N PHE B 264 4.78 3.36 26.95
CA PHE B 264 4.49 4.78 26.75
C PHE B 264 3.92 5.07 25.37
N ILE B 265 2.84 5.85 25.33
CA ILE B 265 2.25 6.29 24.07
C ILE B 265 3.12 7.37 23.43
N GLU B 266 3.50 8.36 24.23
CA GLU B 266 4.36 9.43 23.76
C GLU B 266 5.15 10.03 24.92
N HIS B 267 6.45 10.20 24.72
CA HIS B 267 7.31 10.79 25.74
C HIS B 267 8.37 11.70 25.14
N GLY B 268 8.78 12.71 25.91
CA GLY B 268 9.80 13.64 25.47
C GLY B 268 10.59 14.18 26.65
N GLU B 269 11.44 15.16 26.38
CA GLU B 269 12.28 15.73 27.42
C GLU B 269 12.16 17.26 27.49
N PHE B 270 11.81 17.76 28.66
CA PHE B 270 11.70 19.20 28.88
C PHE B 270 12.49 19.63 30.10
N GLU B 271 13.45 20.53 29.89
CA GLU B 271 14.33 21.04 30.95
C GLU B 271 15.03 19.90 31.70
N LYS B 272 15.66 19.01 30.94
CA LYS B 272 16.42 17.88 31.49
C LYS B 272 15.56 16.93 32.33
N ASN B 273 14.24 17.01 32.16
CA ASN B 273 13.31 16.08 32.78
C ASN B 273 12.48 15.36 31.73
N LEU B 274 12.00 14.18 32.06
CA LEU B 274 11.18 13.41 31.12
C LEU B 274 9.69 13.56 31.44
N TYR B 275 8.88 13.64 30.40
CA TYR B 275 7.43 13.69 30.53
C TYR B 275 6.82 12.73 29.52
N GLY B 276 5.70 12.09 29.88
CA GLY B 276 5.07 11.16 28.97
C GLY B 276 3.75 10.59 29.45
N THR B 277 2.90 10.18 28.51
CA THR B 277 1.61 9.58 28.84
C THR B 277 1.63 8.08 28.59
N SER B 278 1.41 7.30 29.65
CA SER B 278 1.46 5.84 29.54
C SER B 278 0.14 5.27 29.06
N ILE B 279 0.20 4.04 28.55
CA ILE B 279 -1.00 3.36 28.06
C ILE B 279 -2.00 3.14 29.19
N ASP B 280 -1.50 2.68 30.34
CA ASP B 280 -2.34 2.45 31.51
C ASP B 280 -3.04 3.72 31.98
N SER B 281 -2.35 4.85 31.84
CA SER B 281 -2.91 6.14 32.22
C SER B 281 -4.19 6.41 31.44
N VAL B 282 -4.15 6.10 30.15
CA VAL B 282 -5.29 6.29 29.26
C VAL B 282 -6.34 5.23 29.52
N ARG B 283 -5.90 3.99 29.62
CA ARG B 283 -6.80 2.86 29.87
C ARG B 283 -7.59 3.06 31.16
N GLN B 284 -6.99 3.76 32.11
CA GLN B 284 -7.65 4.11 33.37
C GLN B 284 -8.81 5.07 33.14
N VAL B 285 -8.58 6.13 32.37
CA VAL B 285 -9.61 7.11 32.06
C VAL B 285 -10.73 6.47 31.24
N ILE B 286 -10.37 5.52 30.39
CA ILE B 286 -11.37 4.75 29.63
C ILE B 286 -12.24 3.96 30.59
N ASN B 287 -11.60 3.30 31.55
CA ASN B 287 -12.30 2.49 32.56
C ASN B 287 -13.14 3.31 33.53
N SER B 288 -13.03 4.63 33.47
CA SER B 288 -13.73 5.50 34.41
C SER B 288 -15.07 5.97 33.87
N GLY B 289 -15.28 5.76 32.57
CA GLY B 289 -16.51 6.20 31.93
C GLY B 289 -16.36 7.60 31.34
N LYS B 290 -15.20 8.20 31.56
CA LYS B 290 -14.91 9.52 31.04
C LYS B 290 -14.27 9.44 29.65
N ILE B 291 -14.23 10.56 28.95
CA ILE B 291 -13.60 10.64 27.64
C ILE B 291 -12.18 11.22 27.78
N CYS B 292 -11.18 10.40 27.49
CA CYS B 292 -9.80 10.86 27.58
C CYS B 292 -9.46 11.77 26.42
N LEU B 293 -9.07 13.01 26.74
CA LEU B 293 -8.70 13.98 25.72
C LEU B 293 -7.19 14.13 25.70
N LEU B 294 -6.60 14.00 24.52
CA LEU B 294 -5.14 14.01 24.40
C LEU B 294 -4.66 14.48 23.04
N SER B 295 -3.64 15.35 23.05
CA SER B 295 -3.01 15.81 21.82
C SER B 295 -1.68 15.09 21.63
N LEU B 296 -1.44 14.62 20.40
CA LEU B 296 -0.22 13.88 20.10
C LEU B 296 0.42 14.36 18.81
N ARG B 297 1.73 14.18 18.71
CA ARG B 297 2.44 14.41 17.46
C ARG B 297 2.14 13.25 16.52
N THR B 298 2.09 13.52 15.22
CA THR B 298 1.76 12.51 14.22
C THR B 298 2.68 11.28 14.29
N GLN B 299 3.89 11.49 14.80
CA GLN B 299 4.86 10.40 14.95
C GLN B 299 4.42 9.36 15.97
N SER B 300 3.80 9.82 17.05
CA SER B 300 3.48 8.95 18.18
C SER B 300 2.25 8.06 17.97
N LEU B 301 1.67 8.11 16.77
CA LEU B 301 0.45 7.35 16.50
C LEU B 301 0.68 5.84 16.40
N LYS B 302 1.93 5.44 16.17
CA LYS B 302 2.25 4.04 15.96
C LYS B 302 2.05 3.20 17.23
N THR B 303 2.65 3.65 18.33
CA THR B 303 2.52 2.95 19.60
C THR B 303 1.06 2.94 20.04
N LEU B 304 0.37 4.05 19.76
CA LEU B 304 -1.04 4.19 20.08
C LEU B 304 -1.91 3.17 19.36
N ARG B 305 -1.71 3.06 18.05
CA ARG B 305 -2.53 2.18 17.22
C ARG B 305 -2.30 0.71 17.54
N ASN B 306 -1.09 0.38 17.96
CA ASN B 306 -0.74 -1.00 18.30
C ASN B 306 -1.34 -1.49 19.61
N SER B 307 -1.97 -0.58 20.35
CA SER B 307 -2.62 -0.95 21.60
C SER B 307 -4.13 -1.14 21.39
N ASP B 308 -4.80 -1.64 22.41
CA ASP B 308 -6.23 -1.93 22.32
C ASP B 308 -7.07 -0.79 22.89
N LEU B 309 -6.57 0.43 22.74
CA LEU B 309 -7.22 1.61 23.32
C LEU B 309 -8.37 2.13 22.46
N LYS B 310 -8.47 1.61 21.25
CA LYS B 310 -9.51 2.00 20.28
C LYS B 310 -9.73 3.52 20.18
N PRO B 311 -8.66 4.28 19.88
CA PRO B 311 -8.79 5.74 19.88
C PRO B 311 -9.59 6.26 18.70
N TYR B 312 -10.05 7.51 18.80
CA TYR B 312 -10.71 8.19 17.70
C TYR B 312 -9.90 9.43 17.35
N ILE B 313 -9.09 9.32 16.30
CA ILE B 313 -8.13 10.36 15.96
C ILE B 313 -8.71 11.42 15.03
N ILE B 314 -8.71 12.67 15.50
CA ILE B 314 -9.22 13.78 14.71
C ILE B 314 -8.09 14.65 14.19
N PHE B 315 -8.06 14.84 12.87
CA PHE B 315 -7.02 15.63 12.24
C PHE B 315 -7.39 17.11 12.30
N ILE B 316 -6.55 17.90 12.95
CA ILE B 316 -6.74 19.35 12.98
C ILE B 316 -5.81 20.01 11.97
N ALA B 317 -6.41 20.57 10.92
CA ALA B 317 -5.66 21.10 9.78
C ALA B 317 -5.84 22.60 9.61
N PRO B 318 -4.81 23.28 9.09
CA PRO B 318 -4.91 24.70 8.73
C PRO B 318 -5.56 24.88 7.36
N PRO B 319 -6.06 26.08 7.04
CA PRO B 319 -6.64 26.33 5.72
C PRO B 319 -5.57 26.40 4.62
N SER B 320 -5.95 26.95 3.47
CA SER B 320 -5.06 27.02 2.32
C SER B 320 -3.88 27.96 2.57
N GLN B 321 -2.93 27.96 1.64
CA GLN B 321 -1.74 28.81 1.76
C GLN B 321 -2.11 30.29 1.69
N GLU B 322 -3.07 30.61 0.84
CA GLU B 322 -3.53 31.98 0.66
C GLU B 322 -4.32 32.47 1.88
N ARG B 323 -5.13 31.58 2.45
CA ARG B 323 -5.94 31.93 3.60
C ARG B 323 -5.11 32.12 4.86
N LEU B 324 -4.02 31.38 4.96
CA LEU B 324 -3.11 31.49 6.11
C LEU B 324 -2.41 32.84 6.13
N ARG B 325 -2.04 33.34 4.96
CA ARG B 325 -1.36 34.62 4.85
C ARG B 325 -2.30 35.77 5.23
N ALA B 326 -3.58 35.60 4.92
CA ALA B 326 -4.58 36.63 5.21
C ALA B 326 -4.84 36.74 6.71
N LEU B 327 -4.98 35.59 7.37
CA LEU B 327 -5.22 35.57 8.81
C LEU B 327 -3.99 35.98 9.60
N PRO B 335 4.41 40.30 10.15
CA PRO B 335 4.62 39.05 10.87
C PRO B 335 6.07 38.85 11.30
N LYS B 336 6.27 38.61 12.59
CA LYS B 336 7.59 38.37 13.17
C LYS B 336 8.28 37.18 12.49
N PRO B 337 9.63 37.14 12.51
CA PRO B 337 10.40 36.07 11.87
C PRO B 337 9.96 34.66 12.29
N GLU B 338 9.51 34.49 13.53
CA GLU B 338 9.04 33.20 14.01
C GLU B 338 7.64 32.90 13.50
N GLU B 339 6.82 33.95 13.38
CA GLU B 339 5.42 33.80 12.97
C GLU B 339 5.29 33.42 11.49
N LEU B 340 6.16 33.97 10.65
CA LEU B 340 6.10 33.72 9.21
C LEU B 340 6.66 32.35 8.85
N ARG B 341 7.59 31.86 9.67
CA ARG B 341 8.20 30.56 9.44
C ARG B 341 7.24 29.42 9.76
N GLU B 342 6.30 29.68 10.67
CA GLU B 342 5.33 28.67 11.08
C GLU B 342 4.38 28.29 9.93
N ILE B 343 4.01 29.28 9.13
CA ILE B 343 3.09 29.05 8.01
C ILE B 343 3.70 28.12 6.95
N ILE B 344 5.01 28.28 6.72
CA ILE B 344 5.72 27.44 5.77
C ILE B 344 5.74 25.98 6.23
N GLU B 345 5.87 25.79 7.54
CA GLU B 345 5.95 24.44 8.12
C GLU B 345 4.61 23.70 8.04
N LYS B 346 3.52 24.42 8.26
CA LYS B 346 2.18 23.83 8.25
C LYS B 346 1.83 23.25 6.87
N THR B 347 2.02 24.06 5.84
CA THR B 347 1.73 23.63 4.47
C THR B 347 2.65 22.50 4.01
N ARG B 348 3.84 22.44 4.61
CA ARG B 348 4.79 21.37 4.30
C ARG B 348 4.31 20.06 4.92
N GLU B 349 3.70 20.16 6.10
CA GLU B 349 3.17 19.00 6.80
C GLU B 349 1.86 18.51 6.17
N MET B 350 1.17 19.41 5.46
CA MET B 350 -0.07 19.07 4.79
C MET B 350 0.16 18.14 3.60
N GLU B 351 1.33 18.25 2.99
CA GLU B 351 1.67 17.43 1.84
C GLU B 351 2.04 16.02 2.27
N GLN B 352 2.38 15.86 3.54
CA GLN B 352 2.86 14.57 4.06
C GLN B 352 1.80 13.81 4.88
N ASN B 353 0.58 14.35 4.93
CA ASN B 353 -0.48 13.76 5.76
C ASN B 353 -1.17 12.55 5.13
N ASN B 354 -0.58 12.04 4.05
CA ASN B 354 -1.21 11.01 3.22
C ASN B 354 -1.38 9.63 3.86
N GLY B 355 -0.82 9.46 5.06
CA GLY B 355 -0.92 8.20 5.77
C GLY B 355 -2.36 7.82 6.06
N HIS B 356 -3.13 8.81 6.49
CA HIS B 356 -4.57 8.65 6.75
C HIS B 356 -4.91 7.58 7.79
N TYR B 357 -4.32 7.71 8.96
CA TYR B 357 -4.63 6.82 10.08
C TYR B 357 -5.79 7.40 10.87
N PHE B 358 -6.06 8.68 10.65
CA PHE B 358 -7.09 9.39 11.38
C PHE B 358 -8.49 9.08 10.84
N ASP B 359 -9.50 9.45 11.62
CA ASP B 359 -10.89 9.17 11.27
C ASP B 359 -11.54 10.33 10.50
N THR B 360 -11.28 11.55 10.94
CA THR B 360 -11.88 12.73 10.32
C THR B 360 -10.98 13.95 10.47
N ALA B 361 -10.96 14.81 9.46
CA ALA B 361 -10.18 16.03 9.50
C ALA B 361 -11.06 17.26 9.72
N ILE B 362 -10.57 18.20 10.52
CA ILE B 362 -11.26 19.46 10.77
C ILE B 362 -10.40 20.64 10.32
N VAL B 363 -10.88 21.37 9.31
CA VAL B 363 -10.16 22.54 8.82
C VAL B 363 -10.44 23.74 9.72
N ASN B 364 -9.49 24.04 10.61
CA ASN B 364 -9.66 25.12 11.57
C ASN B 364 -9.38 26.51 10.97
N SER B 365 -10.44 27.26 10.73
CA SER B 365 -10.31 28.65 10.31
C SER B 365 -10.69 29.54 11.49
N ASP B 366 -11.85 29.25 12.07
CA ASP B 366 -12.31 29.93 13.27
C ASP B 366 -12.29 28.95 14.44
N LEU B 367 -11.78 29.41 15.58
CA LEU B 367 -11.70 28.57 16.77
C LEU B 367 -13.09 28.17 17.26
N ASP B 368 -14.02 29.12 17.22
CA ASP B 368 -15.38 28.87 17.64
C ASP B 368 -16.09 27.92 16.68
N LYS B 369 -15.81 28.06 15.40
CA LYS B 369 -16.41 27.20 14.38
C LYS B 369 -15.83 25.80 14.43
N ALA B 370 -14.54 25.71 14.76
CA ALA B 370 -13.87 24.41 14.86
C ALA B 370 -14.30 23.66 16.10
N TYR B 371 -14.54 24.39 17.18
CA TYR B 371 -14.94 23.79 18.46
C TYR B 371 -16.34 23.17 18.37
N GLN B 372 -17.24 23.84 17.67
CA GLN B 372 -18.60 23.34 17.50
C GLN B 372 -18.62 22.07 16.68
N GLU B 373 -17.81 22.05 15.63
CA GLU B 373 -17.68 20.86 14.78
C GLU B 373 -16.96 19.75 15.54
N LEU B 374 -15.99 20.14 16.35
CA LEU B 374 -15.26 19.19 17.20
C LEU B 374 -16.21 18.53 18.20
N LEU B 375 -17.04 19.35 18.83
CA LEU B 375 -17.99 18.86 19.83
C LEU B 375 -19.04 17.95 19.18
N ARG B 376 -19.50 18.34 18.00
CA ARG B 376 -20.50 17.57 17.27
C ARG B 376 -19.98 16.18 16.93
N LEU B 377 -18.70 16.10 16.58
CA LEU B 377 -18.07 14.83 16.25
C LEU B 377 -17.94 13.93 17.47
N ILE B 378 -17.42 14.48 18.56
CA ILE B 378 -17.24 13.74 19.81
C ILE B 378 -18.59 13.24 20.33
N ASN B 379 -19.63 14.08 20.20
CA ASN B 379 -20.98 13.69 20.59
C ASN B 379 -21.53 12.57 19.69
N LYS B 380 -21.14 12.60 18.43
CA LYS B 380 -21.66 11.65 17.45
C LYS B 380 -21.22 10.21 17.71
N LEU B 381 -20.22 10.05 18.58
CA LEU B 381 -19.70 8.73 18.89
C LEU B 381 -20.64 7.92 19.78
N ASP B 382 -21.56 8.61 20.46
CA ASP B 382 -22.53 7.95 21.33
C ASP B 382 -23.68 7.34 20.53
N THR B 383 -24.18 8.10 19.57
CA THR B 383 -25.36 7.72 18.81
C THR B 383 -25.03 6.99 17.51
N GLU B 384 -23.93 7.38 16.88
CA GLU B 384 -23.57 6.87 15.55
C GLU B 384 -22.29 6.04 15.57
N PRO B 385 -22.40 4.75 15.21
CA PRO B 385 -21.27 3.82 15.16
C PRO B 385 -20.22 4.25 14.14
N GLN B 386 -18.98 3.81 14.32
CA GLN B 386 -17.90 4.18 13.41
C GLN B 386 -17.18 2.96 12.87
N TRP B 387 -16.53 3.11 11.72
CA TRP B 387 -15.73 2.03 11.15
C TRP B 387 -14.35 1.97 11.79
N VAL B 388 -14.01 0.82 12.34
CA VAL B 388 -12.70 0.60 12.94
C VAL B 388 -12.07 -0.62 12.30
N PRO B 389 -10.73 -0.74 12.37
CA PRO B 389 -10.08 -1.96 11.87
C PRO B 389 -10.63 -3.20 12.55
N SER B 390 -10.94 -4.23 11.76
CA SER B 390 -11.53 -5.47 12.28
C SER B 390 -10.61 -6.18 13.26
N THR B 391 -9.34 -5.81 13.26
CA THR B 391 -8.38 -6.40 14.19
C THR B 391 -8.66 -5.92 15.62
N TRP B 392 -9.24 -4.73 15.75
CA TRP B 392 -9.58 -4.17 17.05
C TRP B 392 -10.61 -5.02 17.78
N LEU B 393 -11.49 -5.65 17.01
CA LEU B 393 -12.62 -6.38 17.58
C LEU B 393 -12.33 -7.87 17.74
N ARG B 394 -11.39 -8.38 16.95
CA ARG B 394 -11.03 -9.78 17.02
C ARG B 394 -9.80 -9.99 17.90
N PRO C 26 5.81 -21.57 -32.74
CA PRO C 26 4.99 -20.85 -31.76
C PRO C 26 3.51 -21.20 -31.90
N ARG C 27 2.74 -20.92 -30.85
CA ARG C 27 1.30 -21.15 -30.88
C ARG C 27 0.57 -19.84 -31.15
N LEU C 28 0.00 -19.72 -32.34
CA LEU C 28 -0.64 -18.47 -32.76
C LEU C 28 -1.74 -18.03 -31.81
N GLU C 29 -2.53 -19.01 -31.35
CA GLU C 29 -3.66 -18.73 -30.47
C GLU C 29 -3.26 -18.12 -29.13
N MET C 30 -2.16 -18.61 -28.56
CA MET C 30 -1.70 -18.17 -27.25
C MET C 30 -1.18 -16.74 -27.25
N ASP C 31 -0.76 -16.26 -28.41
CA ASP C 31 -0.30 -14.88 -28.55
C ASP C 31 -1.48 -13.93 -28.63
N ASN C 32 -2.62 -14.46 -29.11
CA ASN C 32 -3.84 -13.67 -29.20
C ASN C 32 -4.49 -13.40 -27.86
N VAL C 33 -4.57 -14.44 -27.02
CA VAL C 33 -5.20 -14.30 -25.71
C VAL C 33 -4.41 -13.38 -24.77
N LEU C 34 -3.19 -13.05 -25.16
CA LEU C 34 -2.36 -12.10 -24.41
C LEU C 34 -2.84 -10.67 -24.60
N LYS C 35 -3.51 -10.42 -25.71
CA LYS C 35 -4.06 -9.11 -26.01
C LYS C 35 -5.20 -8.80 -25.04
N PRO C 36 -5.38 -7.51 -24.71
CA PRO C 36 -6.40 -7.08 -23.74
C PRO C 36 -7.79 -7.56 -24.12
N PRO C 37 -8.57 -8.02 -23.11
CA PRO C 37 -9.93 -8.55 -23.31
C PRO C 37 -10.85 -7.49 -23.90
N PRO C 38 -11.91 -7.94 -24.61
CA PRO C 38 -12.89 -7.04 -25.23
C PRO C 38 -13.50 -6.09 -24.21
N GLU C 39 -13.67 -4.82 -24.57
CA GLU C 39 -14.27 -3.86 -23.66
C GLU C 39 -15.73 -4.22 -23.42
N GLU C 40 -16.21 -3.95 -22.20
CA GLU C 40 -17.59 -4.21 -21.87
C GLU C 40 -18.40 -2.94 -22.01
N ARG C 41 -19.71 -3.07 -22.06
CA ARG C 41 -20.60 -1.93 -22.19
C ARG C 41 -21.90 -2.22 -21.46
N LEU C 42 -22.41 -1.21 -20.76
CA LEU C 42 -23.55 -1.40 -19.87
C LEU C 42 -24.89 -1.32 -20.58
N ILE C 43 -25.71 -2.36 -20.45
CA ILE C 43 -27.06 -2.33 -21.02
C ILE C 43 -28.12 -2.12 -19.94
N PRO D 26 -4.21 23.89 32.97
CA PRO D 26 -3.46 23.12 31.98
C PRO D 26 -2.04 22.83 32.45
N ARG D 27 -1.38 21.86 31.81
CA ARG D 27 0.00 21.54 32.15
C ARG D 27 0.95 22.15 31.13
N LEU D 28 1.71 23.15 31.58
CA LEU D 28 2.63 23.88 30.70
C LEU D 28 3.74 22.98 30.15
N GLU D 29 4.19 22.02 30.95
CA GLU D 29 5.27 21.13 30.54
C GLU D 29 4.85 20.19 29.42
N MET D 30 3.62 19.70 29.50
CA MET D 30 3.11 18.74 28.53
C MET D 30 2.90 19.36 27.15
N ASP D 31 2.65 20.66 27.12
CA ASP D 31 2.46 21.36 25.86
C ASP D 31 3.80 21.58 25.15
N ASN D 32 4.89 21.52 25.92
CA ASN D 32 6.25 21.69 25.39
C ASN D 32 6.74 20.47 24.62
N VAL D 33 6.47 19.27 25.16
CA VAL D 33 6.87 18.02 24.52
C VAL D 33 6.18 17.87 23.16
N LEU D 34 4.98 18.42 23.05
CA LEU D 34 4.22 18.41 21.80
C LEU D 34 4.93 19.13 20.66
N LYS D 35 5.79 20.08 21.00
CA LYS D 35 6.62 20.75 20.01
C LYS D 35 7.57 19.75 19.37
N PRO D 36 7.91 19.94 18.09
CA PRO D 36 8.80 19.02 17.38
C PRO D 36 10.15 18.83 18.08
N PRO D 37 10.60 17.58 18.22
CA PRO D 37 11.85 17.22 18.89
C PRO D 37 13.08 17.92 18.29
N PRO D 38 14.14 18.09 19.08
CA PRO D 38 15.37 18.76 18.64
C PRO D 38 16.00 18.08 17.42
N GLU D 39 16.62 18.88 16.56
CA GLU D 39 17.32 18.35 15.39
C GLU D 39 18.54 17.53 15.80
N GLU D 40 18.85 16.52 15.00
CA GLU D 40 20.05 15.72 15.23
C GLU D 40 21.05 15.96 14.11
N ARG D 41 22.32 16.04 14.45
CA ARG D 41 23.37 16.18 13.46
C ARG D 41 24.33 15.00 13.54
N LEU D 42 24.74 14.50 12.38
CA LEU D 42 25.65 13.36 12.32
C LEU D 42 27.10 13.82 12.52
N ILE D 43 27.82 13.18 13.43
CA ILE D 43 29.23 13.51 13.65
C ILE D 43 30.20 12.44 13.15
#